data_5I4O
#
_entry.id   5I4O
#
_cell.length_a   63.980
_cell.length_b   63.510
_cell.length_c   78.640
_cell.angle_alpha   90.00
_cell.angle_beta   102.31
_cell.angle_gamma   90.00
#
_symmetry.space_group_name_H-M   'P 1 21 1'
#
loop_
_entity.id
_entity.type
_entity.pdbx_description
1 polymer 'Macrophage metalloelastase'
2 non-polymer "N-({1-[2-(acetylamino)-2-deoxy-beta-D-glucopyranosyl]-1H-1,2,3-triazol-4-yl}methyl)-N-[([1,1'-biphenyl]-4-yl)sulfonyl]-D-valine"
3 non-polymer 'ZINC ION'
4 non-polymer 'CALCIUM ION'
5 water water
#
_entity_poly.entity_id   1
_entity_poly.type   'polypeptide(L)'
_entity_poly.pdbx_seq_one_letter_code
;MGPVWRKHYITYRINNYTPDMNREDVDYAIRKAFQVWSNVTPLKFSKINTGMADILVVFARGAHGDDHAFDGKGGILAHA
FGPGSGIGGDAHFDEDEFWTTHSGGTNLFLTAVHQIGHSLGLGHSSDPKAVMFPTYKYVDINTFRLSADDIRGIQSLYG
;
_entity_poly.pdbx_strand_id   A,B,C,D
#
loop_
_chem_comp.id
_chem_comp.type
_chem_comp.name
_chem_comp.formula
CA non-polymer 'CALCIUM ION' 'Ca 2'
V28 non-polymer N-({1-[2-(acetylamino)-2-deoxy-beta-D-glucopyranosyl]-1H-1,2,3-triazol-4-yl}methyl)-N-[([1,1'-biphenyl]-4-yl)sulfonyl]-D-valine 'C28 H35 N5 O9 S'
ZN non-polymer 'ZINC ION' 'Zn 2'
#
# COMPACT_ATOMS: atom_id res chain seq x y z
N VAL A 4 7.01 39.17 -6.18
CA VAL A 4 8.50 39.01 -6.30
C VAL A 4 9.14 39.12 -4.95
N TRP A 5 10.31 38.51 -4.74
CA TRP A 5 11.01 38.75 -3.47
C TRP A 5 11.42 40.22 -3.49
N ARG A 6 11.37 40.90 -2.33
CA ARG A 6 11.57 42.39 -2.25
C ARG A 6 12.88 42.61 -1.53
N LYS A 7 13.79 41.70 -1.85
CA LYS A 7 15.16 41.70 -1.35
C LYS A 7 15.99 40.87 -2.31
N HIS A 8 17.29 40.94 -2.17
CA HIS A 8 18.13 40.29 -3.12
C HIS A 8 19.02 39.20 -2.46
N TYR A 9 18.95 39.11 -1.13
CA TYR A 9 19.63 38.10 -0.36
C TYR A 9 18.57 37.13 0.17
N ILE A 10 18.56 35.89 -0.28
CA ILE A 10 17.42 34.97 0.00
C ILE A 10 18.00 33.68 0.55
N THR A 11 17.45 33.21 1.65
CA THR A 11 18.04 32.00 2.27
C THR A 11 17.17 30.79 1.96
N TYR A 12 17.79 29.62 2.01
CA TYR A 12 17.08 28.40 1.86
C TYR A 12 17.57 27.41 2.89
N ARG A 13 16.73 26.43 3.21
CA ARG A 13 17.08 25.41 4.14
C ARG A 13 16.54 24.09 3.59
N ILE A 14 17.29 23.01 3.77
CA ILE A 14 16.79 21.70 3.43
C ILE A 14 16.16 21.07 4.73
N ASN A 15 14.86 20.81 4.61
CA ASN A 15 14.04 20.42 5.79
C ASN A 15 14.35 19.00 6.15
N ASN A 16 14.60 18.17 5.12
CA ASN A 16 14.88 16.73 5.22
C ASN A 16 15.46 16.20 3.94
N TYR A 17 15.97 15.00 3.99
CA TYR A 17 16.62 14.45 2.84
C TYR A 17 15.93 13.21 2.30
N THR A 18 15.97 13.03 0.96
CA THR A 18 15.42 11.84 0.35
C THR A 18 16.41 10.70 0.64
N PRO A 19 15.92 9.49 0.96
CA PRO A 19 16.84 8.27 1.08
C PRO A 19 17.29 7.77 -0.30
N ASP A 20 16.73 8.33 -1.36
CA ASP A 20 17.15 7.95 -2.75
C ASP A 20 18.61 8.18 -3.19
N MET A 21 19.23 9.20 -2.60
CA MET A 21 20.50 9.68 -3.05
C MET A 21 21.35 9.91 -1.84
N ASN A 22 22.67 9.97 -2.01
CA ASN A 22 23.60 10.44 -0.96
C ASN A 22 23.30 11.87 -0.59
N ARG A 23 23.51 12.18 0.68
CA ARG A 23 23.21 13.56 1.13
C ARG A 23 24.01 14.65 0.39
N GLU A 24 25.26 14.34 0.14
CA GLU A 24 26.16 15.33 -0.51
C GLU A 24 25.64 15.62 -1.93
N ASP A 25 25.10 14.57 -2.60
CA ASP A 25 24.50 14.72 -3.94
C ASP A 25 23.20 15.57 -3.90
N VAL A 26 22.45 15.47 -2.81
CA VAL A 26 21.25 16.30 -2.62
C VAL A 26 21.63 17.75 -2.43
N ASP A 27 22.54 18.01 -1.49
CA ASP A 27 23.17 19.31 -1.26
C ASP A 27 23.70 19.90 -2.54
N TYR A 28 24.47 19.09 -3.22
CA TYR A 28 25.07 19.58 -4.46
C TYR A 28 24.04 19.91 -5.59
N ALA A 29 23.01 19.08 -5.75
CA ALA A 29 22.02 19.36 -6.80
C ALA A 29 21.24 20.68 -6.47
N ILE A 30 20.87 20.86 -5.18
CA ILE A 30 20.12 22.00 -4.78
C ILE A 30 20.95 23.23 -4.90
N ARG A 31 22.18 23.16 -4.37
CA ARG A 31 23.08 24.32 -4.47
C ARG A 31 23.33 24.76 -5.94
N LYS A 32 23.68 23.82 -6.76
CA LYS A 32 23.79 24.10 -8.25
C LYS A 32 22.50 24.63 -8.94
N ALA A 33 21.32 24.15 -8.52
CA ALA A 33 20.08 24.69 -9.11
C ALA A 33 19.90 26.16 -8.69
N PHE A 34 20.27 26.51 -7.44
CA PHE A 34 20.17 28.00 -7.11
C PHE A 34 21.19 28.86 -7.94
N GLN A 35 22.37 28.35 -8.08
CA GLN A 35 23.40 28.99 -8.90
C GLN A 35 22.94 29.27 -10.28
N VAL A 36 22.15 28.36 -10.85
CA VAL A 36 21.65 28.60 -12.23
C VAL A 36 21.01 29.99 -12.24
N TRP A 37 20.20 30.28 -11.23
CA TRP A 37 19.40 31.56 -11.20
C TRP A 37 20.22 32.77 -10.70
N SER A 38 21.10 32.54 -9.71
CA SER A 38 21.98 33.63 -9.27
C SER A 38 23.03 33.96 -10.34
N ASN A 39 23.36 33.05 -11.24
CA ASN A 39 24.30 33.46 -12.32
C ASN A 39 23.75 34.54 -13.33
N VAL A 40 22.43 34.73 -13.41
CA VAL A 40 21.83 35.66 -14.44
C VAL A 40 20.97 36.78 -13.82
N THR A 41 20.96 36.86 -12.48
CA THR A 41 20.24 37.91 -11.78
C THR A 41 21.17 38.50 -10.69
N PRO A 42 20.74 39.60 -10.02
CA PRO A 42 21.46 40.07 -8.78
C PRO A 42 21.01 39.35 -7.50
N LEU A 43 20.35 38.19 -7.60
CA LEU A 43 19.97 37.47 -6.38
C LEU A 43 21.17 36.70 -5.84
N LYS A 44 21.22 36.55 -4.52
CA LYS A 44 22.26 35.74 -3.88
C LYS A 44 21.51 34.82 -2.96
N PHE A 45 21.87 33.54 -2.98
CA PHE A 45 21.20 32.55 -2.15
C PHE A 45 22.17 31.94 -1.16
N SER A 46 21.73 31.79 0.10
CA SER A 46 22.57 31.25 1.19
C SER A 46 21.83 30.12 1.80
N LYS A 47 22.51 28.97 1.97
CA LYS A 47 21.93 27.92 2.69
C LYS A 47 22.08 28.20 4.17
N ILE A 48 21.01 28.03 4.97
CA ILE A 48 21.15 28.09 6.44
C ILE A 48 20.79 26.76 7.06
N ASN A 49 21.29 26.54 8.30
CA ASN A 49 21.17 25.26 9.01
C ASN A 49 20.37 25.35 10.28
N THR A 50 19.85 26.53 10.56
CA THR A 50 19.01 26.73 11.70
C THR A 50 18.17 27.96 11.46
N GLY A 51 17.08 28.11 12.22
CA GLY A 51 16.14 29.26 12.03
C GLY A 51 15.25 29.18 10.76
N MET A 52 14.50 30.24 10.55
CA MET A 52 13.53 30.31 9.49
C MET A 52 14.18 30.75 8.15
N ALA A 53 14.07 29.95 7.11
CA ALA A 53 14.59 30.31 5.74
C ALA A 53 13.47 30.86 4.94
N ASP A 54 13.82 31.62 3.92
CA ASP A 54 12.84 32.08 2.97
C ASP A 54 12.30 30.88 2.19
N ILE A 55 13.21 30.10 1.59
CA ILE A 55 12.77 28.92 0.79
C ILE A 55 13.07 27.63 1.55
N LEU A 56 12.02 26.93 1.98
CA LEU A 56 12.21 25.63 2.63
C LEU A 56 12.07 24.56 1.63
N VAL A 57 13.08 23.70 1.54
CA VAL A 57 13.13 22.59 0.55
C VAL A 57 12.71 21.33 1.34
N VAL A 58 11.61 20.73 0.92
CA VAL A 58 10.99 19.53 1.61
C VAL A 58 10.86 18.38 0.66
N PHE A 59 11.21 17.19 1.13
CA PHE A 59 10.81 15.91 0.43
C PHE A 59 9.67 15.25 1.17
N ALA A 60 8.51 15.08 0.52
CA ALA A 60 7.33 14.46 1.25
C ALA A 60 6.52 13.63 0.32
N ARG A 61 5.78 12.67 0.86
CA ARG A 61 4.79 11.94 -0.04
C ARG A 61 3.35 12.26 0.32
N GLY A 62 2.43 12.07 -0.63
CA GLY A 62 0.99 12.09 -0.34
C GLY A 62 0.68 13.45 0.23
N ALA A 63 -0.24 13.49 1.21
CA ALA A 63 -0.63 14.74 1.86
C ALA A 63 0.47 15.10 2.88
N HIS A 64 0.82 16.38 2.95
CA HIS A 64 1.93 16.87 3.78
C HIS A 64 1.66 18.27 4.29
N GLY A 65 0.37 18.62 4.48
CA GLY A 65 -0.05 19.73 5.37
C GLY A 65 -0.22 21.07 4.70
N ASP A 66 -0.11 21.12 3.36
CA ASP A 66 -0.24 22.39 2.67
C ASP A 66 -1.45 22.39 1.68
N ASP A 67 -2.36 21.43 1.78
CA ASP A 67 -3.63 21.44 0.94
C ASP A 67 -3.41 21.10 -0.57
N HIS A 68 -2.17 20.68 -0.90
CA HIS A 68 -1.80 20.16 -2.22
C HIS A 68 -1.06 18.82 -2.11
N ALA A 69 -1.82 17.77 -1.91
CA ALA A 69 -1.27 16.46 -1.73
C ALA A 69 -0.62 15.94 -3.04
N PHE A 70 0.45 15.17 -2.88
CA PHE A 70 1.11 14.51 -4.04
C PHE A 70 0.39 13.17 -4.37
N ASP A 71 0.82 12.45 -5.42
CA ASP A 71 -0.05 11.47 -6.05
C ASP A 71 0.60 10.13 -6.31
N GLY A 72 1.64 9.79 -5.55
CA GLY A 72 2.41 8.56 -5.83
C GLY A 72 3.38 8.77 -6.97
N LYS A 73 3.99 7.69 -7.33
CA LYS A 73 5.00 7.70 -8.38
C LYS A 73 4.36 8.17 -9.68
N GLY A 74 5.04 9.04 -10.44
CA GLY A 74 4.45 9.49 -11.68
C GLY A 74 3.64 10.71 -11.37
N GLY A 75 2.97 11.21 -12.40
CA GLY A 75 2.13 12.37 -12.36
C GLY A 75 2.88 13.62 -11.95
N ILE A 76 2.47 14.18 -10.83
CA ILE A 76 3.08 15.41 -10.30
C ILE A 76 4.38 15.02 -9.64
N LEU A 77 5.45 15.77 -9.98
CA LEU A 77 6.79 15.47 -9.48
C LEU A 77 7.13 16.33 -8.28
N ALA A 78 6.60 17.59 -8.24
CA ALA A 78 7.02 18.52 -7.22
C ALA A 78 6.17 19.76 -7.38
N HIS A 79 6.22 20.69 -6.42
CA HIS A 79 5.61 21.97 -6.69
C HIS A 79 6.24 23.00 -5.78
N ALA A 80 5.96 24.29 -6.03
CA ALA A 80 6.56 25.30 -5.24
C ALA A 80 5.59 26.45 -5.20
N PHE A 81 5.73 27.27 -4.15
CA PHE A 81 4.84 28.43 -3.90
C PHE A 81 5.54 29.72 -4.31
N GLY A 82 4.79 30.65 -4.93
CA GLY A 82 5.35 31.94 -5.28
C GLY A 82 5.88 32.75 -4.06
N PRO A 83 6.63 33.83 -4.32
CA PRO A 83 7.26 34.61 -3.22
C PRO A 83 6.24 35.13 -2.20
N GLY A 84 6.61 35.08 -0.93
CA GLY A 84 5.70 35.50 0.16
C GLY A 84 6.26 34.92 1.43
N SER A 85 5.66 35.31 2.55
CA SER A 85 6.16 34.84 3.82
C SER A 85 5.51 33.46 4.09
N GLY A 86 5.91 32.83 5.17
CA GLY A 86 5.33 31.52 5.51
C GLY A 86 5.68 30.45 4.48
N ILE A 87 4.67 29.77 3.99
CA ILE A 87 4.85 28.76 2.96
C ILE A 87 5.27 29.31 1.58
N GLY A 88 5.14 30.62 1.39
CA GLY A 88 5.55 31.26 0.16
C GLY A 88 7.03 30.98 -0.11
N GLY A 89 7.33 30.72 -1.37
CA GLY A 89 8.72 30.35 -1.72
C GLY A 89 9.07 28.87 -1.58
N ASP A 90 8.36 28.13 -0.73
CA ASP A 90 8.84 26.82 -0.32
C ASP A 90 8.72 25.86 -1.52
N ALA A 91 9.65 24.88 -1.58
CA ALA A 91 9.70 23.97 -2.76
C ALA A 91 9.64 22.55 -2.21
N HIS A 92 8.68 21.78 -2.69
CA HIS A 92 8.43 20.41 -2.23
C HIS A 92 8.65 19.43 -3.35
N PHE A 93 9.28 18.32 -3.03
CA PHE A 93 9.53 17.27 -3.98
C PHE A 93 8.82 16.00 -3.55
N ASP A 94 8.19 15.31 -4.50
CA ASP A 94 7.36 14.20 -4.20
C ASP A 94 8.23 13.03 -3.89
N GLU A 95 8.20 12.55 -2.63
CA GLU A 95 9.09 11.47 -2.25
C GLU A 95 8.79 10.14 -2.93
N ASP A 96 7.61 10.04 -3.52
CA ASP A 96 7.34 8.76 -4.19
C ASP A 96 8.01 8.72 -5.55
N GLU A 97 8.57 9.83 -6.01
CA GLU A 97 9.52 9.71 -7.15
C GLU A 97 10.87 9.09 -6.75
N PHE A 98 11.63 8.72 -7.77
CA PHE A 98 12.94 8.23 -7.49
C PHE A 98 13.92 9.27 -7.94
N TRP A 99 14.50 10.03 -6.96
CA TRP A 99 15.36 11.22 -7.29
C TRP A 99 16.75 10.70 -7.57
N THR A 100 17.39 11.22 -8.64
CA THR A 100 18.66 10.73 -9.13
C THR A 100 19.60 11.91 -9.46
N THR A 101 20.90 11.63 -9.40
CA THR A 101 21.89 12.69 -9.79
C THR A 101 22.03 12.85 -11.29
N HIS A 102 21.78 11.78 -12.03
CA HIS A 102 21.68 11.89 -13.49
C HIS A 102 20.33 11.41 -14.00
N SER A 103 20.35 10.38 -14.85
CA SER A 103 19.11 9.80 -15.36
C SER A 103 18.80 8.48 -14.61
N GLY A 104 17.78 7.77 -15.03
CA GLY A 104 17.45 6.56 -14.25
C GLY A 104 16.39 6.78 -13.18
N GLY A 105 15.76 7.96 -13.13
CA GLY A 105 14.68 8.27 -12.18
C GLY A 105 14.18 9.61 -12.62
N THR A 106 14.01 10.55 -11.69
CA THR A 106 13.61 11.92 -12.03
C THR A 106 14.81 12.66 -11.54
N ASN A 107 15.41 13.45 -12.46
CA ASN A 107 16.61 14.19 -12.08
C ASN A 107 16.34 15.34 -11.04
N LEU A 108 17.01 15.30 -9.87
CA LEU A 108 16.76 16.28 -8.84
C LEU A 108 17.14 17.68 -9.31
N PHE A 109 18.38 17.84 -9.84
CA PHE A 109 18.89 19.13 -10.21
C PHE A 109 17.92 19.82 -11.17
N LEU A 110 17.58 19.13 -12.29
CA LEU A 110 16.67 19.79 -13.26
C LEU A 110 15.26 20.21 -12.69
N THR A 111 14.70 19.34 -11.85
CA THR A 111 13.43 19.54 -11.22
C THR A 111 13.58 20.70 -10.24
N ALA A 112 14.66 20.70 -9.45
CA ALA A 112 14.89 21.85 -8.59
C ALA A 112 15.07 23.16 -9.32
N VAL A 113 15.79 23.19 -10.45
CA VAL A 113 15.86 24.43 -11.19
C VAL A 113 14.49 24.93 -11.56
N HIS A 114 13.69 24.04 -12.13
CA HIS A 114 12.27 24.42 -12.50
C HIS A 114 11.46 25.00 -11.29
N GLN A 115 11.47 24.23 -10.21
CA GLN A 115 10.75 24.67 -8.93
C GLN A 115 11.22 25.97 -8.35
N ILE A 116 12.53 26.15 -8.32
CA ILE A 116 13.10 27.42 -7.82
C ILE A 116 12.62 28.58 -8.69
N GLY A 117 12.52 28.35 -10.02
CA GLY A 117 11.97 29.38 -10.94
C GLY A 117 10.55 29.79 -10.42
N HIS A 118 9.70 28.83 -10.05
CA HIS A 118 8.39 29.16 -9.48
C HIS A 118 8.56 29.88 -8.08
N SER A 119 9.47 29.40 -7.18
CA SER A 119 9.69 30.11 -5.93
C SER A 119 10.08 31.55 -6.09
N LEU A 120 10.73 31.89 -7.22
CA LEU A 120 11.14 33.21 -7.49
C LEU A 120 10.06 34.06 -8.19
N GLY A 121 8.98 33.43 -8.66
CA GLY A 121 7.79 34.22 -9.18
C GLY A 121 7.57 33.91 -10.67
N LEU A 122 8.31 32.92 -11.25
CA LEU A 122 8.14 32.58 -12.65
C LEU A 122 6.98 31.64 -12.96
N GLY A 123 6.38 31.85 -14.14
CA GLY A 123 5.32 31.01 -14.65
C GLY A 123 6.00 30.12 -15.68
N HIS A 124 5.19 29.53 -16.53
CA HIS A 124 5.73 28.52 -17.48
C HIS A 124 6.08 29.14 -18.84
N SER A 125 6.93 28.46 -19.58
CA SER A 125 7.31 28.96 -20.93
C SER A 125 6.67 28.07 -22.02
N SER A 126 6.50 28.62 -23.24
CA SER A 126 6.07 27.80 -24.37
C SER A 126 7.25 27.20 -25.15
N ASP A 127 8.48 27.44 -24.67
CA ASP A 127 9.69 26.93 -25.32
C ASP A 127 10.14 25.57 -24.76
N PRO A 128 10.03 24.47 -25.54
CA PRO A 128 10.45 23.17 -25.08
C PRO A 128 11.87 23.11 -24.62
N LYS A 129 12.72 24.04 -25.07
CA LYS A 129 14.13 24.19 -24.54
C LYS A 129 14.22 24.96 -23.22
N ALA A 130 13.13 25.60 -22.81
CA ALA A 130 13.21 26.36 -21.57
C ALA A 130 13.15 25.42 -20.33
N VAL A 131 13.91 25.71 -19.29
CA VAL A 131 13.75 24.96 -18.02
C VAL A 131 12.35 25.11 -17.40
N MET A 132 11.68 26.23 -17.68
CA MET A 132 10.30 26.55 -17.18
C MET A 132 9.19 25.99 -18.10
N PHE A 133 9.59 25.24 -19.12
CA PHE A 133 8.64 24.43 -19.84
C PHE A 133 7.86 23.51 -18.86
N PRO A 134 6.54 23.31 -19.04
CA PRO A 134 5.76 22.59 -18.08
C PRO A 134 5.95 21.05 -18.08
N THR A 135 6.72 20.51 -19.01
CA THR A 135 6.82 19.07 -19.13
C THR A 135 8.26 18.66 -18.74
N TYR A 136 8.43 17.58 -18.00
CA TYR A 136 9.76 17.16 -17.57
C TYR A 136 10.33 16.32 -18.70
N LYS A 137 11.55 16.64 -19.06
CA LYS A 137 12.39 15.69 -19.86
C LYS A 137 13.83 15.71 -19.37
N TYR A 138 14.47 14.58 -19.39
CA TYR A 138 15.87 14.55 -19.13
C TYR A 138 16.61 15.19 -20.37
N VAL A 139 17.36 16.24 -20.13
CA VAL A 139 18.25 16.82 -21.09
C VAL A 139 19.68 16.57 -20.54
N ASP A 140 20.66 16.74 -21.40
CA ASP A 140 22.04 16.50 -21.04
C ASP A 140 22.45 17.63 -20.05
N ILE A 141 22.80 17.25 -18.81
CA ILE A 141 23.23 18.21 -17.79
C ILE A 141 24.53 18.88 -18.21
N ASN A 142 25.40 18.15 -18.94
CA ASN A 142 26.64 18.77 -19.37
C ASN A 142 26.41 19.99 -20.29
N THR A 143 25.32 19.99 -21.07
CA THR A 143 25.04 21.13 -21.95
C THR A 143 23.89 21.95 -21.46
N PHE A 144 23.48 21.73 -20.20
CA PHE A 144 22.43 22.51 -19.61
C PHE A 144 22.68 23.98 -19.67
N ARG A 145 21.71 24.74 -20.16
CA ARG A 145 21.81 26.21 -20.17
C ARG A 145 20.40 26.77 -20.03
N LEU A 146 20.16 27.86 -19.31
CA LEU A 146 18.86 28.60 -19.43
C LEU A 146 18.59 29.06 -20.85
N SER A 147 17.34 29.03 -21.28
CA SER A 147 16.95 29.57 -22.60
C SER A 147 16.75 31.09 -22.49
N ALA A 148 16.66 31.77 -23.64
CA ALA A 148 16.44 33.21 -23.67
C ALA A 148 15.14 33.62 -22.98
N ASP A 149 14.09 32.86 -23.21
CA ASP A 149 12.83 32.98 -22.53
C ASP A 149 12.88 32.90 -20.97
N ASP A 150 13.59 31.89 -20.40
CA ASP A 150 13.94 31.89 -18.96
C ASP A 150 14.66 33.19 -18.54
N ILE A 151 15.62 33.61 -19.35
CA ILE A 151 16.51 34.71 -18.95
C ILE A 151 15.72 36.00 -18.95
N ARG A 152 14.91 36.20 -20.01
CA ARG A 152 13.97 37.32 -20.12
C ARG A 152 12.97 37.35 -18.94
N GLY A 153 12.43 36.20 -18.57
CA GLY A 153 11.43 36.18 -17.51
C GLY A 153 12.03 36.53 -16.17
N ILE A 154 13.18 35.96 -15.84
CA ILE A 154 13.74 36.19 -14.49
C ILE A 154 14.27 37.63 -14.37
N GLN A 155 14.85 38.12 -15.48
CA GLN A 155 15.40 39.47 -15.54
C GLN A 155 14.32 40.56 -15.45
N SER A 156 13.13 40.27 -15.95
CA SER A 156 12.02 41.23 -15.87
C SER A 156 11.42 41.26 -14.46
N LEU A 157 11.66 40.23 -13.67
CA LEU A 157 11.30 40.31 -12.26
C LEU A 157 12.40 40.94 -11.39
N TYR A 158 13.65 40.65 -11.70
CA TYR A 158 14.78 40.94 -10.78
C TYR A 158 15.97 41.80 -11.28
N GLY A 159 16.09 41.97 -12.60
CA GLY A 159 17.20 42.67 -13.22
C GLY A 159 18.30 41.71 -13.64
N VAL B 4 3.24 -0.09 -7.46
CA VAL B 4 4.73 -0.09 -7.44
C VAL B 4 5.35 -0.03 -6.03
N TRP B 5 6.57 -0.55 -5.87
CA TRP B 5 7.30 -0.37 -4.61
C TRP B 5 7.77 1.08 -4.50
N ARG B 6 7.45 1.72 -3.38
CA ARG B 6 7.74 3.14 -3.18
C ARG B 6 9.24 3.39 -2.82
N LYS B 7 10.07 2.35 -2.95
CA LYS B 7 11.46 2.35 -2.48
C LYS B 7 12.33 1.43 -3.33
N HIS B 8 13.63 1.71 -3.43
CA HIS B 8 14.51 0.99 -4.37
C HIS B 8 15.52 0.07 -3.67
N TYR B 9 15.42 0.04 -2.36
CA TYR B 9 16.06 -0.96 -1.54
C TYR B 9 14.91 -1.88 -1.05
N ILE B 10 14.88 -3.12 -1.57
CA ILE B 10 13.83 -4.11 -1.24
C ILE B 10 14.38 -5.44 -0.64
N THR B 11 13.77 -5.89 0.44
CA THR B 11 14.27 -7.06 1.14
C THR B 11 13.44 -8.29 0.80
N TYR B 12 14.12 -9.43 0.78
CA TYR B 12 13.43 -10.70 0.68
C TYR B 12 13.91 -11.65 1.73
N ARG B 13 13.07 -12.65 2.04
CA ARG B 13 13.42 -13.70 3.01
C ARG B 13 12.81 -15.03 2.56
N ILE B 14 13.65 -16.02 2.34
CA ILE B 14 13.18 -17.39 2.12
C ILE B 14 12.57 -17.93 3.37
N ASN B 15 11.26 -18.12 3.36
CA ASN B 15 10.50 -18.57 4.53
C ASN B 15 10.80 -20.05 4.85
N ASN B 16 11.06 -20.82 3.80
CA ASN B 16 11.40 -22.26 3.95
C ASN B 16 11.84 -22.85 2.60
N TYR B 17 12.59 -23.93 2.64
CA TYR B 17 13.14 -24.52 1.42
C TYR B 17 12.29 -25.67 0.88
N THR B 18 12.33 -25.89 -0.43
CA THR B 18 11.75 -27.10 -1.00
C THR B 18 12.68 -28.28 -0.72
N PRO B 19 12.13 -29.44 -0.40
CA PRO B 19 13.13 -30.54 -0.28
C PRO B 19 13.71 -31.07 -1.61
N ASP B 20 13.27 -30.54 -2.76
CA ASP B 20 13.63 -31.10 -4.07
C ASP B 20 15.06 -30.80 -4.48
N MET B 21 15.65 -29.80 -3.79
CA MET B 21 16.94 -29.19 -4.14
C MET B 21 17.84 -29.09 -2.89
N ASN B 22 19.13 -28.99 -3.11
CA ASN B 22 19.96 -28.82 -1.93
C ASN B 22 19.68 -27.38 -1.57
N ARG B 23 19.74 -27.09 -0.27
CA ARG B 23 19.73 -25.70 0.20
C ARG B 23 20.52 -24.60 -0.58
N GLU B 24 21.80 -24.88 -0.95
CA GLU B 24 22.65 -23.95 -1.75
C GLU B 24 21.90 -23.59 -2.97
N ASP B 25 21.47 -24.64 -3.69
CA ASP B 25 20.79 -24.51 -4.95
C ASP B 25 19.57 -23.56 -4.92
N VAL B 26 18.67 -23.73 -3.95
CA VAL B 26 17.45 -22.92 -3.85
C VAL B 26 17.94 -21.45 -3.72
N ASP B 27 18.79 -21.20 -2.71
CA ASP B 27 19.37 -19.88 -2.42
C ASP B 27 19.94 -19.19 -3.67
N TYR B 28 20.70 -19.98 -4.42
CA TYR B 28 21.43 -19.52 -5.57
C TYR B 28 20.45 -19.11 -6.63
N ALA B 29 19.39 -19.90 -6.79
CA ALA B 29 18.39 -19.65 -7.86
C ALA B 29 17.57 -18.39 -7.61
N ILE B 30 17.28 -18.10 -6.33
CA ILE B 30 16.43 -16.96 -5.96
C ILE B 30 17.24 -15.68 -6.05
N ARG B 31 18.38 -15.64 -5.36
CA ARG B 31 19.44 -14.67 -5.70
C ARG B 31 19.58 -14.30 -7.21
N LYS B 32 19.80 -15.28 -8.10
CA LYS B 32 20.15 -14.95 -9.53
C LYS B 32 18.99 -14.28 -10.29
N ALA B 33 17.84 -14.82 -9.91
CA ALA B 33 16.52 -14.33 -10.25
C ALA B 33 16.40 -12.87 -9.86
N PHE B 34 16.70 -12.56 -8.60
CA PHE B 34 16.61 -11.19 -8.17
C PHE B 34 17.62 -10.37 -8.97
N GLN B 35 18.77 -10.97 -9.29
CA GLN B 35 19.84 -10.28 -9.93
C GLN B 35 19.43 -9.85 -11.34
N VAL B 36 18.59 -10.66 -12.00
CA VAL B 36 18.14 -10.37 -13.32
C VAL B 36 17.34 -9.03 -13.44
N TRP B 37 16.52 -8.74 -12.43
CA TRP B 37 15.78 -7.47 -12.47
C TRP B 37 16.62 -6.25 -12.03
N SER B 38 17.42 -6.46 -10.98
CA SER B 38 18.46 -5.51 -10.59
C SER B 38 19.49 -5.19 -11.71
N ASN B 39 19.70 -6.11 -12.65
CA ASN B 39 20.68 -5.90 -13.73
C ASN B 39 20.23 -4.82 -14.75
N VAL B 40 18.97 -4.40 -14.72
CA VAL B 40 18.45 -3.41 -15.69
C VAL B 40 17.67 -2.25 -15.03
N THR B 41 17.59 -2.26 -13.69
CA THR B 41 16.87 -1.22 -12.96
C THR B 41 17.74 -0.71 -11.81
N PRO B 42 17.46 0.54 -11.32
CA PRO B 42 18.12 1.06 -10.08
C PRO B 42 17.95 0.24 -8.81
N LEU B 43 16.89 -0.58 -8.73
CA LEU B 43 16.55 -1.47 -7.59
C LEU B 43 17.65 -2.33 -7.06
N LYS B 44 17.75 -2.42 -5.73
CA LYS B 44 18.67 -3.34 -5.04
C LYS B 44 17.95 -4.28 -4.07
N PHE B 45 18.38 -5.52 -4.08
CA PHE B 45 17.77 -6.57 -3.25
C PHE B 45 18.72 -7.15 -2.24
N SER B 46 18.19 -7.45 -1.05
CA SER B 46 19.00 -7.94 0.05
C SER B 46 18.26 -9.07 0.71
N LYS B 47 18.80 -10.29 0.64
CA LYS B 47 18.25 -11.40 1.46
C LYS B 47 18.43 -11.01 2.92
N ILE B 48 17.36 -11.09 3.72
CA ILE B 48 17.48 -10.95 5.20
C ILE B 48 17.11 -12.26 5.89
N ASN B 49 17.57 -12.44 7.11
CA ASN B 49 17.60 -13.74 7.78
C ASN B 49 16.82 -13.73 9.08
N THR B 50 16.24 -12.56 9.36
CA THR B 50 15.46 -12.31 10.56
C THR B 50 14.54 -11.07 10.34
N GLY B 51 13.40 -11.04 11.07
CA GLY B 51 12.46 -9.92 10.95
C GLY B 51 11.74 -9.99 9.63
N MET B 52 10.97 -8.95 9.31
CA MET B 52 10.06 -9.09 8.21
C MET B 52 10.65 -8.42 6.96
N ALA B 53 10.78 -9.23 5.90
CA ALA B 53 11.24 -8.78 4.59
C ALA B 53 10.04 -8.26 3.82
N ASP B 54 10.31 -7.45 2.79
CA ASP B 54 9.28 -7.00 1.84
C ASP B 54 8.71 -8.16 1.01
N ILE B 55 9.60 -8.95 0.38
CA ILE B 55 9.14 -10.12 -0.43
C ILE B 55 9.41 -11.44 0.34
N LEU B 56 8.35 -12.13 0.78
CA LEU B 56 8.52 -13.43 1.42
C LEU B 56 8.40 -14.52 0.34
N VAL B 57 9.42 -15.37 0.24
CA VAL B 57 9.42 -16.41 -0.76
C VAL B 57 8.95 -17.67 -0.02
N VAL B 58 7.91 -18.31 -0.55
CA VAL B 58 7.28 -19.46 0.12
C VAL B 58 7.15 -20.68 -0.76
N PHE B 59 7.46 -21.84 -0.18
CA PHE B 59 7.14 -23.16 -0.76
C PHE B 59 6.00 -23.77 0.07
N ALA B 60 4.81 -23.80 -0.52
CA ALA B 60 3.61 -24.35 0.06
C ALA B 60 2.90 -25.22 -0.96
N ARG B 61 2.27 -26.25 -0.45
CA ARG B 61 1.34 -27.09 -1.12
C ARG B 61 -0.14 -26.80 -0.71
N GLY B 62 -1.04 -27.04 -1.67
CA GLY B 62 -2.48 -26.90 -1.38
C GLY B 62 -2.90 -25.56 -0.79
N ALA B 63 -3.86 -25.62 0.11
CA ALA B 63 -4.39 -24.43 0.81
C ALA B 63 -3.30 -23.93 1.75
N HIS B 64 -2.92 -22.63 1.64
CA HIS B 64 -1.84 -22.11 2.53
C HIS B 64 -2.04 -20.77 3.20
N GLY B 65 -3.31 -20.40 3.43
CA GLY B 65 -3.60 -19.30 4.31
C GLY B 65 -3.77 -17.98 3.57
N ASP B 66 -3.89 -18.06 2.25
CA ASP B 66 -3.98 -16.81 1.50
C ASP B 66 -5.21 -16.73 0.63
N ASP B 67 -6.15 -17.67 0.83
CA ASP B 67 -7.34 -17.84 -0.05
C ASP B 67 -7.06 -18.16 -1.50
N HIS B 68 -5.82 -18.52 -1.84
CA HIS B 68 -5.49 -18.89 -3.25
C HIS B 68 -4.81 -20.26 -3.28
N ALA B 69 -5.61 -21.34 -3.19
CA ALA B 69 -4.99 -22.70 -2.95
C ALA B 69 -4.38 -23.25 -4.22
N PHE B 70 -3.26 -23.93 -4.07
CA PHE B 70 -2.61 -24.58 -5.21
C PHE B 70 -3.42 -25.82 -5.62
N ASP B 71 -3.00 -26.41 -6.72
CA ASP B 71 -3.81 -27.40 -7.39
C ASP B 71 -3.03 -28.77 -7.64
N GLY B 72 -1.96 -28.99 -6.89
CA GLY B 72 -1.15 -30.28 -6.93
C GLY B 72 -0.15 -30.22 -8.07
N LYS B 73 0.22 -31.36 -8.69
CA LYS B 73 1.30 -31.34 -9.68
C LYS B 73 0.86 -30.84 -11.06
N GLY B 74 1.67 -29.98 -11.65
CA GLY B 74 1.25 -29.37 -12.89
C GLY B 74 0.11 -28.38 -12.63
N GLY B 75 -0.46 -27.85 -13.73
CA GLY B 75 -1.36 -26.73 -13.68
C GLY B 75 -0.61 -25.50 -13.15
N ILE B 76 -1.23 -24.81 -12.20
CA ILE B 76 -0.61 -23.63 -11.61
C ILE B 76 0.69 -24.03 -10.89
N LEU B 77 1.77 -23.38 -11.25
CA LEU B 77 3.06 -23.61 -10.63
C LEU B 77 3.30 -22.79 -9.34
N ALA B 78 2.82 -21.55 -9.35
CA ALA B 78 3.24 -20.53 -8.34
C ALA B 78 2.44 -19.30 -8.65
N HIS B 79 2.23 -18.45 -7.63
CA HIS B 79 1.71 -17.10 -7.84
C HIS B 79 2.49 -16.16 -6.95
N ALA B 80 2.36 -14.88 -7.29
CA ALA B 80 2.90 -13.79 -6.48
C ALA B 80 1.92 -12.64 -6.36
N PHE B 81 1.94 -11.94 -5.23
CA PHE B 81 1.20 -10.68 -5.09
C PHE B 81 1.95 -9.36 -5.52
N GLY B 82 1.22 -8.38 -6.02
CA GLY B 82 1.83 -7.12 -6.40
C GLY B 82 2.35 -6.32 -5.20
N PRO B 83 3.08 -5.20 -5.45
CA PRO B 83 3.64 -4.30 -4.42
C PRO B 83 2.57 -3.92 -3.38
N GLY B 84 2.97 -3.78 -2.12
CA GLY B 84 2.05 -3.55 -1.02
C GLY B 84 2.60 -4.05 0.29
N SER B 85 1.82 -3.86 1.36
CA SER B 85 2.18 -4.21 2.72
C SER B 85 1.78 -5.67 2.99
N GLY B 86 2.16 -6.18 4.17
CA GLY B 86 1.93 -7.56 4.54
C GLY B 86 2.20 -8.53 3.40
N ILE B 87 1.14 -9.15 2.91
CA ILE B 87 1.22 -10.14 1.83
C ILE B 87 1.64 -9.57 0.48
N GLY B 88 1.54 -8.25 0.29
CA GLY B 88 2.16 -7.57 -0.86
C GLY B 88 3.57 -8.11 -1.27
N GLY B 89 3.77 -8.31 -2.57
CA GLY B 89 5.08 -8.69 -3.03
C GLY B 89 5.49 -10.14 -2.78
N ASP B 90 4.85 -10.86 -1.87
CA ASP B 90 5.19 -12.27 -1.53
C ASP B 90 5.00 -13.22 -2.72
N ALA B 91 5.96 -14.12 -2.92
CA ALA B 91 5.87 -15.08 -4.03
C ALA B 91 5.82 -16.54 -3.54
N HIS B 92 4.73 -17.24 -3.86
CA HIS B 92 4.60 -18.63 -3.38
C HIS B 92 4.77 -19.58 -4.54
N PHE B 93 5.52 -20.63 -4.27
CA PHE B 93 5.85 -21.70 -5.19
C PHE B 93 5.14 -22.99 -4.70
N ASP B 94 4.34 -23.60 -5.57
CA ASP B 94 3.64 -24.89 -5.25
C ASP B 94 4.60 -26.08 -5.05
N GLU B 95 4.60 -26.59 -3.84
CA GLU B 95 5.55 -27.64 -3.41
C GLU B 95 5.28 -28.98 -4.07
N ASP B 96 4.08 -29.13 -4.65
CA ASP B 96 3.81 -30.34 -5.39
C ASP B 96 4.45 -30.41 -6.75
N GLU B 97 5.24 -29.36 -7.10
CA GLU B 97 6.01 -29.38 -8.34
C GLU B 97 7.35 -29.98 -7.92
N PHE B 98 8.03 -30.59 -8.85
CA PHE B 98 9.44 -30.96 -8.66
C PHE B 98 10.39 -29.85 -9.15
N TRP B 99 10.85 -29.05 -8.20
CA TRP B 99 11.67 -27.88 -8.60
C TRP B 99 13.12 -28.29 -8.84
N THR B 100 13.72 -27.83 -9.93
CA THR B 100 15.13 -28.16 -10.25
C THR B 100 16.18 -27.01 -10.28
N THR B 101 17.30 -27.30 -10.92
CA THR B 101 18.31 -26.31 -11.22
C THR B 101 18.36 -26.14 -12.75
N HIS B 102 18.03 -27.21 -13.50
CA HIS B 102 17.99 -27.21 -14.96
C HIS B 102 16.62 -27.78 -15.46
N SER B 103 16.65 -28.70 -16.44
CA SER B 103 15.45 -29.15 -17.22
C SER B 103 14.56 -30.28 -16.65
N GLY B 104 15.01 -30.92 -15.57
CA GLY B 104 14.20 -31.91 -14.87
C GLY B 104 13.03 -31.12 -14.32
N GLY B 105 11.86 -31.75 -14.21
CA GLY B 105 10.64 -31.08 -13.70
C GLY B 105 10.53 -29.59 -14.06
N THR B 106 10.60 -28.74 -13.05
CA THR B 106 10.35 -27.31 -13.22
C THR B 106 11.42 -26.42 -12.66
N ASN B 107 12.10 -25.73 -13.58
CA ASN B 107 13.08 -24.76 -13.28
C ASN B 107 12.64 -23.67 -12.31
N LEU B 108 13.20 -23.71 -11.11
CA LEU B 108 12.92 -22.71 -10.07
C LEU B 108 13.29 -21.26 -10.49
N PHE B 109 14.50 -21.14 -11.05
CA PHE B 109 15.08 -19.95 -11.52
C PHE B 109 14.14 -19.25 -12.47
N LEU B 110 13.75 -19.96 -13.54
CA LEU B 110 12.86 -19.32 -14.55
C LEU B 110 11.57 -18.91 -13.84
N THR B 111 11.05 -19.83 -13.04
CA THR B 111 9.75 -19.57 -12.40
C THR B 111 9.87 -18.33 -11.50
N ALA B 112 10.99 -18.22 -10.78
CA ALA B 112 11.21 -17.16 -9.80
C ALA B 112 11.43 -15.82 -10.51
N VAL B 113 12.20 -15.78 -11.62
CA VAL B 113 12.32 -14.51 -12.37
C VAL B 113 10.87 -13.98 -12.64
N HIS B 114 10.08 -14.82 -13.32
CA HIS B 114 8.73 -14.47 -13.75
C HIS B 114 7.89 -14.00 -12.59
N GLN B 115 7.89 -14.79 -11.50
CA GLN B 115 7.15 -14.49 -10.29
C GLN B 115 7.57 -13.18 -9.65
N ILE B 116 8.88 -12.89 -9.63
CA ILE B 116 9.40 -11.64 -9.04
C ILE B 116 8.88 -10.46 -9.89
N GLY B 117 8.83 -10.61 -11.22
CA GLY B 117 8.22 -9.58 -12.09
C GLY B 117 6.83 -9.16 -11.60
N HIS B 118 6.05 -10.15 -11.18
CA HIS B 118 4.80 -9.89 -10.49
C HIS B 118 4.87 -9.14 -9.15
N SER B 119 5.79 -9.57 -8.28
CA SER B 119 6.03 -8.96 -6.96
C SER B 119 6.38 -7.49 -7.13
N LEU B 120 7.05 -7.18 -8.25
CA LEU B 120 7.51 -5.84 -8.61
C LEU B 120 6.39 -5.01 -9.30
N GLY B 121 5.39 -5.71 -9.84
CA GLY B 121 4.20 -5.06 -10.44
C GLY B 121 4.04 -5.23 -11.93
N LEU B 122 4.78 -6.15 -12.55
CA LEU B 122 4.66 -6.38 -14.01
C LEU B 122 3.46 -7.23 -14.30
N GLY B 123 2.76 -6.91 -15.39
CA GLY B 123 1.71 -7.79 -15.95
C GLY B 123 2.31 -8.84 -16.89
N HIS B 124 1.47 -9.49 -17.68
CA HIS B 124 1.92 -10.48 -18.66
C HIS B 124 2.29 -9.84 -20.00
N SER B 125 3.05 -10.58 -20.80
CA SER B 125 3.56 -10.14 -22.10
C SER B 125 2.97 -11.00 -23.26
N SER B 126 2.91 -10.43 -24.46
CA SER B 126 2.42 -11.15 -25.65
C SER B 126 3.57 -11.72 -26.44
N ASP B 127 4.74 -11.71 -25.84
CA ASP B 127 5.92 -12.20 -26.52
C ASP B 127 6.37 -13.54 -25.92
N PRO B 128 6.31 -14.65 -26.72
CA PRO B 128 6.78 -15.95 -26.15
C PRO B 128 8.25 -15.86 -25.79
N LYS B 129 8.92 -14.89 -26.40
CA LYS B 129 10.31 -14.68 -26.08
C LYS B 129 10.47 -14.09 -24.68
N ALA B 130 9.47 -13.37 -24.21
CA ALA B 130 9.58 -12.71 -22.89
C ALA B 130 9.40 -13.68 -21.73
N VAL B 131 10.10 -13.40 -20.64
CA VAL B 131 9.94 -14.08 -19.35
C VAL B 131 8.53 -13.86 -18.69
N MET B 132 7.85 -12.74 -19.03
CA MET B 132 6.53 -12.47 -18.50
C MET B 132 5.35 -13.03 -19.38
N PHE B 133 5.68 -13.74 -20.46
CA PHE B 133 4.74 -14.67 -21.10
C PHE B 133 4.03 -15.59 -20.08
N PRO B 134 2.70 -15.84 -20.24
CA PRO B 134 2.05 -16.42 -19.07
C PRO B 134 2.12 -17.93 -19.02
N THR B 135 2.77 -18.57 -19.97
CA THR B 135 3.01 -20.03 -19.85
C THR B 135 4.48 -20.41 -19.77
N TYR B 136 4.81 -21.17 -18.74
CA TYR B 136 6.10 -21.82 -18.56
C TYR B 136 6.48 -22.62 -19.83
N LYS B 137 7.77 -22.54 -20.14
CA LYS B 137 8.43 -23.26 -21.21
C LYS B 137 9.87 -23.25 -20.76
N TYR B 138 10.49 -24.44 -20.66
CA TYR B 138 11.91 -24.47 -20.33
C TYR B 138 12.67 -23.79 -21.45
N VAL B 139 13.58 -22.91 -21.07
CA VAL B 139 14.49 -22.26 -22.03
C VAL B 139 15.94 -22.56 -21.62
N ASP B 140 16.89 -22.38 -22.54
CA ASP B 140 18.29 -22.54 -22.20
C ASP B 140 18.69 -21.41 -21.24
N ILE B 141 19.04 -21.80 -20.01
CA ILE B 141 19.42 -20.85 -18.96
C ILE B 141 20.76 -20.16 -19.26
N ASN B 142 21.67 -20.88 -19.90
CA ASN B 142 22.91 -20.29 -20.45
C ASN B 142 22.66 -19.09 -21.43
N THR B 143 21.68 -19.24 -22.33
CA THR B 143 21.37 -18.16 -23.24
C THR B 143 20.25 -17.25 -22.67
N PHE B 144 19.95 -17.34 -21.37
CA PHE B 144 18.84 -16.56 -20.79
C PHE B 144 19.06 -15.06 -20.87
N ARG B 145 17.98 -14.39 -21.23
CA ARG B 145 17.96 -12.94 -21.37
C ARG B 145 16.53 -12.42 -21.41
N LEU B 146 16.31 -11.29 -20.73
CA LEU B 146 15.08 -10.54 -20.90
C LEU B 146 14.93 -10.03 -22.34
N SER B 147 13.71 -10.14 -22.90
CA SER B 147 13.41 -9.54 -24.18
C SER B 147 13.08 -8.07 -24.02
N ALA B 148 13.12 -7.32 -25.13
CA ALA B 148 12.72 -5.89 -25.20
C ALA B 148 11.52 -5.58 -24.33
N ASP B 149 10.44 -6.35 -24.51
CA ASP B 149 9.18 -6.25 -23.74
C ASP B 149 9.36 -6.14 -22.22
N ASP B 150 10.19 -7.02 -21.66
CA ASP B 150 10.39 -7.09 -20.20
C ASP B 150 11.08 -5.86 -19.67
N ILE B 151 12.12 -5.44 -20.38
CA ILE B 151 12.96 -4.30 -20.01
C ILE B 151 12.11 -3.02 -20.07
N ARG B 152 11.30 -2.87 -21.15
CA ARG B 152 10.40 -1.72 -21.30
C ARG B 152 9.44 -1.68 -20.13
N GLY B 153 8.89 -2.84 -19.78
CA GLY B 153 7.95 -2.97 -18.70
C GLY B 153 8.55 -2.60 -17.36
N ILE B 154 9.70 -3.23 -17.06
CA ILE B 154 10.33 -3.04 -15.76
C ILE B 154 10.86 -1.60 -15.60
N GLN B 155 11.30 -1.01 -16.71
CA GLN B 155 11.78 0.36 -16.69
C GLN B 155 10.69 1.40 -16.58
N SER B 156 9.53 1.12 -17.17
CA SER B 156 8.45 2.11 -17.13
C SER B 156 8.05 2.45 -15.68
N LEU B 157 8.14 1.45 -14.80
CA LEU B 157 7.84 1.61 -13.39
C LEU B 157 9.03 2.02 -12.51
N TYR B 158 10.24 1.58 -12.86
CA TYR B 158 11.41 1.72 -11.96
C TYR B 158 12.62 2.56 -12.44
N GLY B 159 12.48 3.20 -13.61
CA GLY B 159 13.38 4.30 -13.98
C GLY B 159 12.93 5.51 -13.19
N VAL C 4 -19.25 -8.40 -8.15
CA VAL C 4 -17.88 -7.80 -8.22
C VAL C 4 -17.37 -7.79 -9.64
N TRP C 5 -16.49 -6.85 -9.96
CA TRP C 5 -15.73 -6.99 -11.21
C TRP C 5 -14.94 -8.32 -11.23
N ARG C 6 -15.01 -9.04 -12.34
CA ARG C 6 -14.37 -10.34 -12.48
C ARG C 6 -12.96 -10.21 -13.05
N LYS C 7 -12.36 -9.03 -12.93
CA LYS C 7 -11.03 -8.76 -13.49
C LYS C 7 -10.30 -7.74 -12.57
N HIS C 8 -9.00 -7.56 -12.74
CA HIS C 8 -8.30 -6.66 -11.81
C HIS C 8 -7.80 -5.38 -12.45
N TYR C 9 -7.93 -5.30 -13.76
CA TYR C 9 -7.47 -4.13 -14.51
C TYR C 9 -8.76 -3.51 -15.03
N ILE C 10 -9.11 -2.36 -14.47
CA ILE C 10 -10.41 -1.71 -14.72
C ILE C 10 -10.16 -0.33 -15.33
N THR C 11 -10.85 -0.01 -16.41
CA THR C 11 -10.68 1.26 -17.03
C THR C 11 -11.79 2.24 -16.67
N TYR C 12 -11.46 3.50 -16.70
CA TYR C 12 -12.44 4.56 -16.52
C TYR C 12 -12.22 5.64 -17.62
N ARG C 13 -13.29 6.34 -17.93
CA ARG C 13 -13.19 7.44 -18.88
C ARG C 13 -14.00 8.62 -18.38
N ILE C 14 -13.53 9.83 -18.56
CA ILE C 14 -14.29 11.00 -18.18
C ILE C 14 -15.12 11.44 -19.36
N ASN C 15 -16.43 11.21 -19.29
CA ASN C 15 -17.32 11.46 -20.48
C ASN C 15 -17.44 12.97 -20.73
N ASN C 16 -17.42 13.79 -19.68
CA ASN C 16 -17.53 15.25 -19.84
C ASN C 16 -17.05 15.91 -18.57
N TYR C 17 -16.79 17.21 -18.64
CA TYR C 17 -16.28 17.98 -17.51
C TYR C 17 -17.28 18.99 -16.91
N THR C 18 -17.31 19.11 -15.59
CA THR C 18 -18.10 20.15 -14.98
C THR C 18 -17.44 21.49 -15.30
N PRO C 19 -18.23 22.55 -15.57
CA PRO C 19 -17.60 23.86 -15.72
C PRO C 19 -17.26 24.55 -14.37
N ASP C 20 -17.55 23.92 -13.24
CA ASP C 20 -17.26 24.51 -11.92
C ASP C 20 -15.79 24.54 -11.53
N MET C 21 -15.01 23.58 -12.07
CA MET C 21 -13.64 23.39 -11.70
C MET C 21 -12.77 23.42 -12.99
N ASN C 22 -11.49 23.68 -12.81
CA ASN C 22 -10.48 23.46 -13.84
C ASN C 22 -10.36 22.04 -14.25
N ARG C 23 -10.20 21.82 -15.55
CA ARG C 23 -10.11 20.38 -15.99
C ARG C 23 -9.01 19.54 -15.26
N GLU C 24 -7.82 20.10 -15.04
N GLU C 24 -7.84 20.17 -15.06
CA GLU C 24 -6.79 19.35 -14.32
CA GLU C 24 -6.72 19.62 -14.29
C GLU C 24 -7.27 19.07 -12.87
C GLU C 24 -7.24 19.14 -12.91
N ASP C 25 -8.00 19.98 -12.23
CA ASP C 25 -8.55 19.67 -10.87
C ASP C 25 -9.58 18.55 -10.87
N VAL C 26 -10.37 18.45 -11.96
CA VAL C 26 -11.31 17.35 -12.13
C VAL C 26 -10.53 16.03 -12.33
N ASP C 27 -9.56 16.03 -13.27
CA ASP C 27 -8.77 14.86 -13.53
C ASP C 27 -8.00 14.36 -12.30
N TYR C 28 -7.34 15.28 -11.62
CA TYR C 28 -6.61 14.93 -10.43
C TYR C 28 -7.52 14.37 -9.31
N ALA C 29 -8.64 15.02 -9.06
CA ALA C 29 -9.63 14.49 -7.98
C ALA C 29 -10.11 13.08 -8.30
N ILE C 30 -10.40 12.86 -9.59
CA ILE C 30 -10.85 11.54 -9.97
C ILE C 30 -9.71 10.52 -9.84
N ARG C 31 -8.56 10.88 -10.39
CA ARG C 31 -7.40 9.96 -10.35
C ARG C 31 -7.04 9.62 -8.89
N LYS C 32 -6.90 10.62 -8.03
CA LYS C 32 -6.68 10.37 -6.59
C LYS C 32 -7.79 9.46 -5.94
N ALA C 33 -9.05 9.70 -6.29
CA ALA C 33 -10.16 8.83 -5.76
C ALA C 33 -10.03 7.36 -6.13
N PHE C 34 -9.58 7.12 -7.34
CA PHE C 34 -9.33 5.70 -7.74
C PHE C 34 -8.17 5.14 -6.96
N GLN C 35 -7.14 5.98 -6.75
CA GLN C 35 -5.93 5.55 -6.05
C GLN C 35 -6.20 5.07 -4.61
N VAL C 36 -7.14 5.78 -3.96
CA VAL C 36 -7.56 5.44 -2.62
C VAL C 36 -7.91 3.98 -2.54
N TRP C 37 -8.61 3.48 -3.54
CA TRP C 37 -9.08 2.12 -3.53
C TRP C 37 -8.04 1.13 -4.03
N SER C 38 -7.27 1.50 -5.06
CA SER C 38 -6.15 0.61 -5.56
C SER C 38 -5.03 0.49 -4.51
N ASN C 39 -4.82 1.53 -3.71
CA ASN C 39 -3.92 1.42 -2.57
C ASN C 39 -4.16 0.27 -1.56
N VAL C 40 -5.36 -0.30 -1.51
CA VAL C 40 -5.63 -1.28 -0.46
C VAL C 40 -6.16 -2.60 -1.06
N THR C 41 -6.14 -2.73 -2.38
CA THR C 41 -6.62 -3.94 -3.08
C THR C 41 -5.65 -4.28 -4.23
N PRO C 42 -5.81 -5.45 -4.85
CA PRO C 42 -5.04 -5.72 -6.10
C PRO C 42 -5.60 -5.06 -7.37
N LEU C 43 -6.54 -4.12 -7.22
CA LEU C 43 -7.23 -3.54 -8.37
C LEU C 43 -6.31 -2.54 -9.02
N LYS C 44 -6.31 -2.52 -10.35
CA LYS C 44 -5.57 -1.46 -11.08
C LYS C 44 -6.50 -0.65 -11.99
N PHE C 45 -6.38 0.66 -11.94
CA PHE C 45 -7.28 1.51 -12.71
C PHE C 45 -6.48 2.33 -13.72
N SER C 46 -6.89 2.29 -14.99
CA SER C 46 -6.31 3.10 -16.09
C SER C 46 -7.39 4.03 -16.66
N LYS C 47 -7.04 5.30 -16.83
CA LYS C 47 -7.85 6.20 -17.59
C LYS C 47 -7.69 5.94 -19.09
N ILE C 48 -8.80 5.80 -19.83
CA ILE C 48 -8.69 5.72 -21.29
C ILE C 48 -9.41 6.90 -21.92
N ASN C 49 -8.97 7.28 -23.14
CA ASN C 49 -9.45 8.53 -23.78
C ASN C 49 -10.20 8.26 -25.09
N THR C 50 -10.27 6.99 -25.40
CA THR C 50 -11.11 6.54 -26.47
C THR C 50 -11.64 5.15 -26.17
N GLY C 51 -12.72 4.75 -26.86
CA GLY C 51 -13.35 3.41 -26.67
C GLY C 51 -14.23 3.36 -25.43
N MET C 52 -14.72 2.17 -25.20
CA MET C 52 -15.59 1.88 -24.08
C MET C 52 -14.82 1.54 -22.77
N ALA C 53 -15.00 2.39 -21.76
CA ALA C 53 -14.45 2.11 -20.39
C ALA C 53 -15.34 1.22 -19.58
N ASP C 54 -14.78 0.54 -18.58
CA ASP C 54 -15.67 -0.09 -17.57
C ASP C 54 -16.47 0.95 -16.78
N ILE C 55 -15.79 1.95 -16.25
CA ILE C 55 -16.44 2.99 -15.42
C ILE C 55 -16.47 4.34 -16.13
N LEU C 56 -17.64 4.75 -16.53
CA LEU C 56 -17.80 6.06 -17.17
C LEU C 56 -18.15 7.00 -16.15
N VAL C 57 -17.42 8.12 -16.16
CA VAL C 57 -17.68 9.18 -15.18
C VAL C 57 -18.43 10.27 -15.92
N VAL C 58 -19.58 10.67 -15.42
CA VAL C 58 -20.47 11.66 -16.14
C VAL C 58 -20.86 12.78 -15.21
N PHE C 59 -20.87 14.01 -15.71
CA PHE C 59 -21.56 15.11 -14.98
C PHE C 59 -22.85 15.49 -15.67
N ALA C 60 -24.02 15.42 -15.01
CA ALA C 60 -25.34 15.68 -15.70
C ALA C 60 -26.28 16.32 -14.73
N ARG C 61 -27.17 17.12 -15.27
CA ARG C 61 -28.24 17.69 -14.46
C ARG C 61 -29.59 17.02 -14.73
N GLY C 62 -30.47 16.96 -13.70
CA GLY C 62 -31.82 16.43 -13.90
C GLY C 62 -31.86 15.05 -14.57
N ALA C 63 -32.78 14.91 -15.52
CA ALA C 63 -33.00 13.65 -16.25
C ALA C 63 -31.88 13.49 -17.26
N HIS C 64 -31.20 12.34 -17.25
CA HIS C 64 -30.02 12.13 -18.10
C HIS C 64 -29.96 10.74 -18.71
N GLY C 65 -31.11 10.08 -18.96
CA GLY C 65 -31.17 8.82 -19.78
C GLY C 65 -31.00 7.52 -19.00
N ASP C 66 -30.99 7.54 -17.64
CA ASP C 66 -30.78 6.26 -16.97
C ASP C 66 -31.92 5.95 -15.96
N ASP C 67 -33.00 6.72 -16.00
CA ASP C 67 -34.20 6.43 -15.15
C ASP C 67 -34.01 6.79 -13.66
N HIS C 68 -32.92 7.51 -13.36
CA HIS C 68 -32.70 8.05 -12.03
C HIS C 68 -32.28 9.52 -12.14
N ALA C 69 -33.26 10.35 -12.36
CA ALA C 69 -33.06 11.76 -12.52
C ALA C 69 -32.54 12.48 -11.25
N PHE C 70 -31.68 13.45 -11.45
CA PHE C 70 -31.22 14.24 -10.35
C PHE C 70 -32.27 15.32 -9.96
N ASP C 71 -32.00 16.13 -8.91
CA ASP C 71 -33.00 16.91 -8.22
C ASP C 71 -32.64 18.38 -8.00
N GLY C 72 -31.81 18.97 -8.90
CA GLY C 72 -31.19 20.29 -8.66
C GLY C 72 -30.23 20.43 -7.44
N LYS C 73 -29.99 21.66 -7.04
CA LYS C 73 -29.01 21.92 -5.97
C LYS C 73 -29.40 21.26 -4.69
N GLY C 74 -28.42 20.65 -4.01
CA GLY C 74 -28.67 19.90 -2.81
C GLY C 74 -29.37 18.57 -3.02
N GLY C 75 -29.83 17.98 -1.94
CA GLY C 75 -30.41 16.67 -1.91
C GLY C 75 -29.36 15.65 -2.38
N ILE C 76 -29.79 14.89 -3.37
CA ILE C 76 -28.93 13.88 -4.00
C ILE C 76 -27.76 14.63 -4.69
N LEU C 77 -26.55 14.06 -4.42
CA LEU C 77 -25.30 14.63 -4.98
C LEU C 77 -24.81 13.92 -6.20
N ALA C 78 -24.98 12.61 -6.20
CA ALA C 78 -24.34 11.77 -7.19
C ALA C 78 -24.91 10.42 -7.00
N HIS C 79 -24.70 9.52 -8.00
CA HIS C 79 -25.01 8.13 -7.77
C HIS C 79 -24.15 7.25 -8.64
N ALA C 80 -24.12 5.96 -8.34
CA ALA C 80 -23.27 5.11 -9.16
C ALA C 80 -23.91 3.77 -9.27
N PHE C 81 -23.58 3.01 -10.32
CA PHE C 81 -24.17 1.64 -10.53
C PHE C 81 -23.14 0.56 -10.18
N GLY C 82 -23.58 -0.52 -9.55
CA GLY C 82 -22.63 -1.60 -9.18
C GLY C 82 -22.02 -2.34 -10.40
N PRO C 83 -21.11 -3.30 -10.13
CA PRO C 83 -20.35 -3.90 -11.20
C PRO C 83 -21.26 -4.56 -12.23
N GLY C 84 -20.94 -4.37 -13.51
CA GLY C 84 -21.71 -4.99 -14.60
C GLY C 84 -21.35 -4.33 -15.92
N SER C 85 -21.91 -4.88 -17.00
CA SER C 85 -21.67 -4.38 -18.35
C SER C 85 -22.52 -3.14 -18.60
N GLY C 86 -22.21 -2.41 -19.68
CA GLY C 86 -23.02 -1.23 -20.05
C GLY C 86 -23.00 -0.21 -18.92
N ILE C 87 -24.16 0.07 -18.35
CA ILE C 87 -24.26 1.14 -17.39
C ILE C 87 -23.62 0.77 -16.05
N GLY C 88 -23.45 -0.53 -15.84
CA GLY C 88 -22.80 -1.08 -14.66
C GLY C 88 -21.48 -0.35 -14.44
N GLY C 89 -21.16 0.00 -13.18
CA GLY C 89 -19.88 0.65 -12.92
C GLY C 89 -19.92 2.14 -13.02
N ASP C 90 -20.84 2.69 -13.82
CA ASP C 90 -20.79 4.11 -14.18
C ASP C 90 -21.07 5.03 -12.95
N ALA C 91 -20.38 6.14 -12.85
CA ALA C 91 -20.56 7.05 -11.72
C ALA C 91 -21.00 8.47 -12.26
N HIS C 92 -22.09 8.98 -11.77
CA HIS C 92 -22.64 10.28 -12.30
C HIS C 92 -22.73 11.28 -11.20
N PHE C 93 -22.35 12.47 -11.50
CA PHE C 93 -22.30 13.54 -10.58
C PHE C 93 -23.30 14.59 -11.03
N ASP C 94 -24.01 15.15 -10.04
CA ASP C 94 -25.11 16.10 -10.33
C ASP C 94 -24.53 17.47 -10.55
N GLU C 95 -24.71 17.99 -11.75
CA GLU C 95 -24.05 19.22 -12.12
C GLU C 95 -24.75 20.42 -11.49
N ASP C 96 -25.89 20.21 -10.89
CA ASP C 96 -26.53 21.37 -10.19
C ASP C 96 -25.87 21.56 -8.89
N GLU C 97 -24.98 20.60 -8.53
CA GLU C 97 -24.09 20.87 -7.36
C GLU C 97 -22.97 21.78 -7.80
N PHE C 98 -22.35 22.47 -6.85
CA PHE C 98 -21.18 23.28 -7.14
C PHE C 98 -19.95 22.45 -6.74
N TRP C 99 -19.25 21.89 -7.73
CA TRP C 99 -18.15 20.91 -7.39
C TRP C 99 -16.91 21.69 -7.09
N THR C 100 -16.18 21.33 -6.01
CA THR C 100 -14.93 22.06 -5.61
C THR C 100 -13.70 21.19 -5.31
N THR C 101 -12.51 21.81 -5.36
CA THR C 101 -11.24 21.09 -4.99
C THR C 101 -11.08 20.91 -3.49
N HIS C 102 -11.62 21.89 -2.74
CA HIS C 102 -11.64 21.79 -1.28
C HIS C 102 -13.06 21.93 -0.80
N SER C 103 -13.30 22.82 0.17
CA SER C 103 -14.71 23.06 0.63
C SER C 103 -15.30 24.26 -0.12
N GLY C 104 -16.43 24.76 0.35
CA GLY C 104 -17.06 25.87 -0.37
C GLY C 104 -18.06 25.43 -1.44
N GLY C 105 -18.42 24.16 -1.43
CA GLY C 105 -19.45 23.57 -2.34
C GLY C 105 -19.42 22.11 -1.93
N THR C 106 -19.43 21.19 -2.89
CA THR C 106 -19.41 19.77 -2.56
C THR C 106 -18.09 19.27 -3.08
N ASN C 107 -17.33 18.56 -2.22
CA ASN C 107 -15.99 18.26 -2.60
C ASN C 107 -16.00 17.06 -3.59
N LEU C 108 -15.38 17.24 -4.78
CA LEU C 108 -15.49 16.21 -5.83
C LEU C 108 -14.72 14.99 -5.38
N PHE C 109 -13.54 15.18 -4.75
CA PHE C 109 -12.65 14.03 -4.49
C PHE C 109 -13.39 13.12 -3.53
N LEU C 110 -13.94 13.70 -2.45
CA LEU C 110 -14.57 12.80 -1.40
C LEU C 110 -15.83 12.10 -1.96
N THR C 111 -16.60 12.82 -2.73
CA THR C 111 -17.82 12.26 -3.33
C THR C 111 -17.39 11.17 -4.34
N ALA C 112 -16.40 11.44 -5.19
CA ALA C 112 -15.91 10.36 -6.08
C ALA C 112 -15.37 9.14 -5.35
N VAL C 113 -14.68 9.31 -4.22
CA VAL C 113 -14.25 8.09 -3.50
C VAL C 113 -15.47 7.28 -3.11
N HIS C 114 -16.45 7.95 -2.51
CA HIS C 114 -17.72 7.25 -2.11
C HIS C 114 -18.41 6.49 -3.32
N GLN C 115 -18.57 7.21 -4.43
CA GLN C 115 -19.28 6.63 -5.64
C GLN C 115 -18.50 5.47 -6.28
N ILE C 116 -17.18 5.59 -6.33
CA ILE C 116 -16.34 4.50 -6.84
C ILE C 116 -16.46 3.30 -5.95
N GLY C 117 -16.52 3.53 -4.63
CA GLY C 117 -16.87 2.41 -3.68
C GLY C 117 -18.16 1.69 -4.17
N HIS C 118 -19.23 2.44 -4.47
CA HIS C 118 -20.40 1.79 -5.09
C HIS C 118 -20.08 1.07 -6.43
N SER C 119 -19.41 1.78 -7.35
CA SER C 119 -19.05 1.21 -8.62
C SER C 119 -18.32 -0.11 -8.42
N LEU C 120 -17.57 -0.27 -7.33
CA LEU C 120 -16.77 -1.53 -7.10
C LEU C 120 -17.61 -2.57 -6.37
N GLY C 121 -18.80 -2.16 -5.91
CA GLY C 121 -19.80 -3.10 -5.36
C GLY C 121 -19.98 -2.96 -3.83
N LEU C 122 -19.50 -1.87 -3.23
CA LEU C 122 -19.71 -1.64 -1.80
C LEU C 122 -21.08 -1.03 -1.51
N GLY C 123 -21.62 -1.41 -0.34
CA GLY C 123 -22.84 -0.81 0.15
C GLY C 123 -22.42 0.27 1.15
N HIS C 124 -23.33 0.62 2.06
CA HIS C 124 -23.04 1.68 2.99
C HIS C 124 -22.50 1.14 4.35
N SER C 125 -21.76 1.98 5.06
CA SER C 125 -21.21 1.65 6.38
C SER C 125 -21.96 2.38 7.52
N SER C 126 -21.94 1.82 8.74
CA SER C 126 -22.60 2.53 9.83
C SER C 126 -21.62 3.37 10.65
N ASP C 127 -20.36 3.47 10.18
CA ASP C 127 -19.34 4.26 10.89
C ASP C 127 -19.23 5.63 10.28
N PRO C 128 -19.54 6.69 11.07
CA PRO C 128 -19.52 8.05 10.55
C PRO C 128 -18.17 8.50 10.05
N LYS C 129 -17.11 7.79 10.43
CA LYS C 129 -15.75 8.06 9.88
C LYS C 129 -15.51 7.34 8.55
N ALA C 130 -16.36 6.39 8.20
CA ALA C 130 -16.13 5.68 6.96
C ALA C 130 -16.45 6.53 5.73
N VAL C 131 -15.75 6.29 4.62
CA VAL C 131 -16.01 7.09 3.42
C VAL C 131 -17.36 6.60 2.81
N MET C 132 -17.74 5.35 3.13
CA MET C 132 -18.99 4.71 2.62
C MET C 132 -20.16 5.01 3.59
N PHE C 133 -19.94 5.82 4.58
CA PHE C 133 -21.10 6.41 5.27
C PHE C 133 -22.02 7.17 4.30
N PRO C 134 -23.36 7.05 4.43
CA PRO C 134 -24.36 7.59 3.50
C PRO C 134 -24.56 9.07 3.55
N THR C 135 -24.02 9.75 4.53
CA THR C 135 -24.15 11.20 4.60
C THR C 135 -22.86 11.92 4.21
N TYR C 136 -22.99 12.97 3.42
CA TYR C 136 -21.88 13.80 3.03
C TYR C 136 -21.51 14.77 4.16
N LYS C 137 -20.21 14.84 4.41
CA LYS C 137 -19.66 15.91 5.25
C LYS C 137 -18.25 16.22 4.77
N TYR C 138 -17.87 17.46 4.86
CA TYR C 138 -16.50 17.78 4.50
C TYR C 138 -15.56 17.34 5.63
N VAL C 139 -14.69 16.38 5.35
CA VAL C 139 -13.59 15.99 6.27
C VAL C 139 -12.28 16.69 5.71
N ASP C 140 -11.26 16.80 6.55
CA ASP C 140 -9.94 17.27 6.20
C ASP C 140 -9.28 16.30 5.22
N ILE C 141 -9.13 16.76 3.97
CA ILE C 141 -8.52 15.88 2.95
C ILE C 141 -7.06 15.55 3.31
N ASN C 142 -6.36 16.46 4.01
CA ASN C 142 -4.98 16.20 4.45
C ASN C 142 -4.88 14.98 5.40
N THR C 143 -5.96 14.70 6.15
CA THR C 143 -5.94 13.56 7.06
C THR C 143 -6.82 12.40 6.58
N PHE C 144 -7.27 12.47 5.28
CA PHE C 144 -8.17 11.48 4.77
C PHE C 144 -7.52 10.15 4.80
N ARG C 145 -8.25 9.16 5.26
CA ARG C 145 -7.83 7.75 5.06
C ARG C 145 -9.11 6.94 5.12
N LEU C 146 -9.11 5.74 4.49
CA LEU C 146 -10.21 4.79 4.66
C LEU C 146 -10.28 4.28 6.11
N SER C 147 -11.50 4.03 6.59
CA SER C 147 -11.69 3.48 7.97
C SER C 147 -11.46 1.99 7.87
N ALA C 148 -11.32 1.32 9.01
CA ALA C 148 -11.21 -0.17 9.00
C ALA C 148 -12.40 -0.83 8.30
N ASP C 149 -13.59 -0.25 8.44
CA ASP C 149 -14.81 -0.75 7.88
C ASP C 149 -14.82 -0.69 6.32
N ASP C 150 -14.36 0.44 5.75
CA ASP C 150 -14.11 0.60 4.30
C ASP C 150 -13.09 -0.45 3.84
N ILE C 151 -11.99 -0.57 4.57
CA ILE C 151 -10.95 -1.53 4.17
C ILE C 151 -11.47 -2.97 4.15
N ARG C 152 -12.14 -3.35 5.24
CA ARG C 152 -12.70 -4.69 5.39
C ARG C 152 -13.70 -5.07 4.27
N GLY C 153 -14.50 -4.07 3.89
CA GLY C 153 -15.53 -4.26 2.86
C GLY C 153 -14.86 -4.49 1.51
N ILE C 154 -13.88 -3.64 1.18
CA ILE C 154 -13.28 -3.71 -0.14
C ILE C 154 -12.44 -5.00 -0.26
N GLN C 155 -11.87 -5.43 0.87
CA GLN C 155 -10.94 -6.58 0.88
C GLN C 155 -11.70 -7.90 0.92
N SER C 156 -12.94 -7.86 1.45
CA SER C 156 -13.88 -8.97 1.31
C SER C 156 -14.26 -9.17 -0.14
N LEU C 157 -14.24 -8.11 -0.94
CA LEU C 157 -14.59 -8.26 -2.32
C LEU C 157 -13.43 -8.64 -3.27
N TYR C 158 -12.21 -8.21 -3.00
CA TYR C 158 -11.17 -8.25 -4.04
C TYR C 158 -9.82 -8.73 -3.57
N GLY C 159 -9.73 -9.06 -2.29
CA GLY C 159 -8.44 -9.32 -1.65
C GLY C 159 -7.80 -8.02 -1.22
N VAL D 4 -3.58 -0.47 21.90
CA VAL D 4 -4.84 -1.27 21.88
C VAL D 4 -5.50 -1.26 20.49
N TRP D 5 -6.55 -2.08 20.29
CA TRP D 5 -7.37 -2.02 19.05
C TRP D 5 -8.06 -0.66 18.97
N ARG D 6 -8.33 -0.19 17.76
CA ARG D 6 -8.97 1.13 17.58
C ARG D 6 -10.31 1.05 16.83
N LYS D 7 -11.20 0.18 17.33
CA LYS D 7 -12.43 -0.22 16.65
C LYS D 7 -13.11 -1.26 17.51
N HIS D 8 -14.44 -1.27 17.55
CA HIS D 8 -15.19 -2.16 18.45
C HIS D 8 -15.77 -3.43 17.77
N TYR D 9 -15.49 -3.59 16.48
CA TYR D 9 -15.79 -4.80 15.75
C TYR D 9 -14.50 -5.46 15.29
N ILE D 10 -14.20 -6.64 15.85
CA ILE D 10 -12.94 -7.34 15.54
C ILE D 10 -13.23 -8.74 14.97
N THR D 11 -12.58 -9.05 13.85
CA THR D 11 -12.74 -10.34 13.16
C THR D 11 -11.63 -11.30 13.56
N TYR D 12 -11.97 -12.58 13.62
CA TYR D 12 -10.97 -13.63 13.77
C TYR D 12 -11.27 -14.71 12.79
N ARG D 13 -10.25 -15.48 12.45
CA ARG D 13 -10.35 -16.56 11.48
C ARG D 13 -9.44 -17.68 11.99
N ILE D 14 -9.96 -18.91 12.06
CA ILE D 14 -9.13 -20.07 12.41
C ILE D 14 -8.33 -20.43 11.14
N ASN D 15 -6.99 -20.24 11.21
CA ASN D 15 -6.10 -20.61 10.10
C ASN D 15 -6.07 -22.11 9.77
N ASN D 16 -6.04 -22.94 10.81
CA ASN D 16 -5.84 -24.41 10.68
C ASN D 16 -6.30 -25.14 11.92
N TYR D 17 -6.58 -26.44 11.78
CA TYR D 17 -7.13 -27.18 12.92
C TYR D 17 -6.13 -28.14 13.46
N THR D 18 -6.11 -28.21 14.79
CA THR D 18 -5.33 -29.24 15.47
C THR D 18 -5.99 -30.60 15.25
N PRO D 19 -5.18 -31.65 14.95
CA PRO D 19 -5.79 -32.97 14.87
C PRO D 19 -6.17 -33.57 16.23
N ASP D 20 -5.74 -32.95 17.34
CA ASP D 20 -6.02 -33.46 18.71
C ASP D 20 -7.47 -33.57 19.11
N MET D 21 -8.33 -32.69 18.58
CA MET D 21 -9.72 -32.57 19.10
C MET D 21 -10.64 -32.56 17.92
N ASN D 22 -11.92 -32.88 18.14
CA ASN D 22 -12.93 -32.74 17.08
C ASN D 22 -12.87 -31.28 16.64
N ARG D 23 -13.13 -31.01 15.33
CA ARG D 23 -13.22 -29.70 14.68
C ARG D 23 -14.21 -28.78 15.34
N GLU D 24 -15.38 -29.32 15.72
CA GLU D 24 -16.50 -28.53 16.25
C GLU D 24 -16.25 -28.03 17.70
N ASP D 25 -15.64 -28.95 18.47
CA ASP D 25 -15.16 -28.70 19.81
C ASP D 25 -14.16 -27.52 19.83
N VAL D 26 -13.23 -27.52 18.86
CA VAL D 26 -12.31 -26.41 18.59
C VAL D 26 -13.07 -25.13 18.23
N ASP D 27 -13.97 -25.18 17.24
CA ASP D 27 -14.79 -23.98 16.89
C ASP D 27 -15.47 -23.42 18.13
N TYR D 28 -16.01 -24.33 18.94
CA TYR D 28 -16.71 -24.02 20.21
C TYR D 28 -15.81 -23.27 21.21
N ALA D 29 -14.63 -23.87 21.48
CA ALA D 29 -13.67 -23.38 22.47
C ALA D 29 -13.11 -22.00 22.05
N ILE D 30 -12.74 -21.83 20.75
CA ILE D 30 -12.24 -20.50 20.28
C ILE D 30 -13.29 -19.46 20.40
N ARG D 31 -14.45 -19.72 19.80
CA ARG D 31 -15.69 -18.94 20.09
C ARG D 31 -16.04 -18.58 21.57
N LYS D 32 -15.86 -19.51 22.49
CA LYS D 32 -16.25 -19.28 23.89
C LYS D 32 -15.28 -18.35 24.65
N ALA D 33 -13.98 -18.53 24.39
CA ALA D 33 -12.99 -17.60 24.88
C ALA D 33 -13.26 -16.11 24.46
N PHE D 34 -13.61 -15.86 23.18
CA PHE D 34 -14.01 -14.53 22.75
C PHE D 34 -15.23 -14.01 23.50
N GLN D 35 -16.21 -14.90 23.71
CA GLN D 35 -17.38 -14.56 24.46
C GLN D 35 -17.02 -14.03 25.82
N VAL D 36 -16.12 -14.75 26.50
CA VAL D 36 -15.65 -14.35 27.83
C VAL D 36 -15.30 -12.85 27.84
N TRP D 37 -14.53 -12.39 26.85
CA TRP D 37 -14.15 -10.96 26.75
C TRP D 37 -15.25 -10.01 26.28
N SER D 38 -16.01 -10.37 25.23
CA SER D 38 -17.08 -9.49 24.68
C SER D 38 -18.29 -9.28 25.62
N ASN D 39 -18.48 -10.25 26.54
CA ASN D 39 -19.40 -10.18 27.66
C ASN D 39 -19.13 -8.98 28.61
N VAL D 40 -17.87 -8.59 28.79
CA VAL D 40 -17.52 -7.53 29.77
C VAL D 40 -16.98 -6.21 29.13
N THR D 41 -17.06 -6.14 27.79
CA THR D 41 -16.57 -5.03 26.96
C THR D 41 -17.62 -4.58 25.93
N PRO D 42 -17.48 -3.33 25.36
CA PRO D 42 -18.24 -2.98 24.14
C PRO D 42 -17.81 -3.78 22.87
N LEU D 43 -16.68 -4.47 22.94
CA LEU D 43 -16.12 -5.21 21.78
C LEU D 43 -17.02 -6.34 21.28
N LYS D 44 -17.10 -6.48 19.95
CA LYS D 44 -17.86 -7.53 19.31
C LYS D 44 -16.93 -8.28 18.35
N PHE D 45 -16.96 -9.60 18.53
CA PHE D 45 -16.11 -10.53 17.82
C PHE D 45 -16.88 -11.31 16.78
N SER D 46 -16.29 -11.41 15.58
CA SER D 46 -16.95 -12.05 14.45
C SER D 46 -16.02 -13.06 13.76
N LYS D 47 -16.46 -14.31 13.66
CA LYS D 47 -15.76 -15.30 12.86
C LYS D 47 -15.96 -15.07 11.34
N ILE D 48 -14.85 -15.03 10.61
CA ILE D 48 -14.89 -14.97 9.13
C ILE D 48 -14.22 -16.23 8.59
N ASN D 49 -14.65 -16.65 7.41
CA ASN D 49 -14.11 -17.84 6.75
C ASN D 49 -13.38 -17.54 5.48
N THR D 50 -13.13 -16.26 5.22
CA THR D 50 -12.48 -15.80 3.98
C THR D 50 -12.07 -14.34 4.17
N GLY D 51 -11.14 -13.83 3.34
CA GLY D 51 -10.54 -12.47 3.54
C GLY D 51 -9.48 -12.45 4.63
N MET D 52 -8.93 -11.26 4.92
CA MET D 52 -7.95 -11.11 6.04
C MET D 52 -8.66 -10.77 7.34
N ALA D 53 -8.18 -11.35 8.44
CA ALA D 53 -8.81 -11.16 9.74
C ALA D 53 -7.87 -10.38 10.63
N ASP D 54 -8.43 -9.77 11.68
CA ASP D 54 -7.60 -9.08 12.63
C ASP D 54 -6.79 -10.12 13.44
N ILE D 55 -7.46 -11.16 13.91
CA ILE D 55 -6.83 -12.21 14.72
C ILE D 55 -6.86 -13.52 13.97
N LEU D 56 -5.70 -13.94 13.47
CA LEU D 56 -5.50 -15.35 13.03
C LEU D 56 -5.24 -16.24 14.23
N VAL D 57 -5.96 -17.36 14.26
CA VAL D 57 -5.71 -18.39 15.25
C VAL D 57 -5.00 -19.52 14.50
N VAL D 58 -3.80 -19.84 14.96
CA VAL D 58 -2.91 -20.82 14.29
C VAL D 58 -2.47 -21.88 15.28
N PHE D 59 -2.51 -23.13 14.85
CA PHE D 59 -1.86 -24.27 15.54
C PHE D 59 -0.65 -24.64 14.69
N ALA D 60 0.50 -24.76 15.33
CA ALA D 60 1.73 -25.13 14.62
C ALA D 60 2.70 -25.48 15.69
N ARG D 61 3.76 -26.15 15.30
CA ARG D 61 4.78 -26.63 16.22
C ARG D 61 6.18 -26.14 15.74
N GLY D 62 7.13 -25.89 16.66
CA GLY D 62 8.52 -25.59 16.25
C GLY D 62 8.58 -24.19 15.64
N ALA D 63 9.48 -24.01 14.66
CA ALA D 63 9.59 -22.79 13.85
C ALA D 63 8.47 -22.58 12.81
N HIS D 64 7.86 -21.39 12.84
CA HIS D 64 6.77 -21.06 11.91
C HIS D 64 6.75 -19.59 11.47
N GLY D 65 7.91 -18.96 11.33
CA GLY D 65 8.02 -17.73 10.52
C GLY D 65 7.48 -16.44 11.11
N ASP D 66 7.43 -16.41 12.41
CA ASP D 66 7.28 -15.14 13.11
C ASP D 66 8.46 -14.84 14.02
N ASP D 67 9.60 -15.53 13.80
CA ASP D 67 10.80 -15.46 14.69
C ASP D 67 10.51 -15.78 16.19
N HIS D 68 9.50 -16.60 16.48
CA HIS D 68 9.34 -17.16 17.86
C HIS D 68 9.04 -18.66 17.89
N ALA D 69 10.05 -19.49 17.70
CA ALA D 69 9.79 -20.93 17.50
C ALA D 69 9.44 -21.62 18.82
N PHE D 70 8.34 -22.37 18.81
CA PHE D 70 7.90 -23.19 19.99
C PHE D 70 8.92 -24.28 20.40
N ASP D 71 8.55 -25.09 21.37
CA ASP D 71 9.62 -25.86 22.04
C ASP D 71 9.37 -27.36 22.25
N GLY D 72 8.25 -27.83 21.74
CA GLY D 72 7.90 -29.27 21.93
C GLY D 72 6.99 -29.39 23.13
N LYS D 73 6.50 -30.59 23.45
CA LYS D 73 5.57 -30.75 24.59
C LYS D 73 6.23 -30.36 25.94
N GLY D 74 5.49 -29.65 26.79
CA GLY D 74 6.07 -28.96 27.97
C GLY D 74 6.39 -27.49 27.69
N GLY D 75 7.20 -26.86 28.53
CA GLY D 75 7.61 -25.46 28.31
C GLY D 75 6.57 -24.42 27.89
N ILE D 76 6.62 -23.94 26.65
CA ILE D 76 5.79 -22.83 26.14
C ILE D 76 4.61 -23.43 25.41
N LEU D 77 3.43 -22.90 25.68
CA LEU D 77 2.21 -23.50 25.26
C LEU D 77 1.64 -22.80 24.04
N ALA D 78 1.74 -21.47 24.03
CA ALA D 78 1.07 -20.64 23.02
C ALA D 78 1.67 -19.29 23.15
N HIS D 79 1.26 -18.42 22.24
CA HIS D 79 1.62 -17.05 22.33
C HIS D 79 0.83 -16.16 21.36
N ALA D 80 0.72 -14.89 21.68
CA ALA D 80 -0.23 -14.01 20.96
C ALA D 80 0.42 -12.65 20.80
N PHE D 81 0.12 -11.92 19.72
CA PHE D 81 0.76 -10.60 19.49
C PHE D 81 -0.17 -9.49 19.94
N GLY D 82 0.38 -8.42 20.54
CA GLY D 82 -0.45 -7.24 20.90
C GLY D 82 -1.21 -6.64 19.69
N PRO D 83 -2.25 -5.83 19.93
CA PRO D 83 -2.96 -5.20 18.78
C PRO D 83 -2.06 -4.51 17.73
N GLY D 84 -2.46 -4.61 16.46
CA GLY D 84 -1.65 -4.09 15.37
C GLY D 84 -2.04 -4.73 14.06
N SER D 85 -1.48 -4.19 12.97
CA SER D 85 -1.75 -4.76 11.66
C SER D 85 -0.90 -6.03 11.44
N GLY D 86 -1.08 -6.68 10.30
CA GLY D 86 -0.35 -7.89 9.96
C GLY D 86 -0.48 -8.93 11.05
N ILE D 87 0.65 -9.29 11.63
CA ILE D 87 0.68 -10.34 12.66
C ILE D 87 0.19 -9.92 14.06
N GLY D 88 -0.02 -8.63 14.26
CA GLY D 88 -0.57 -8.13 15.51
C GLY D 88 -1.90 -8.76 15.76
N GLY D 89 -2.16 -9.10 17.02
CA GLY D 89 -3.45 -9.70 17.41
C GLY D 89 -3.51 -11.24 17.23
N ASP D 90 -2.65 -11.78 16.38
CA ASP D 90 -2.63 -13.20 16.04
C ASP D 90 -2.20 -14.06 17.20
N ALA D 91 -2.82 -15.23 17.32
CA ALA D 91 -2.71 -16.10 18.50
C ALA D 91 -2.30 -17.47 18.02
N HIS D 92 -1.16 -17.95 18.48
CA HIS D 92 -0.67 -19.27 18.05
C HIS D 92 -0.55 -20.26 19.18
N PHE D 93 -0.90 -21.51 18.90
CA PHE D 93 -0.85 -22.60 19.86
C PHE D 93 0.09 -23.75 19.46
N ASP D 94 0.83 -24.28 20.42
CA ASP D 94 1.98 -25.11 20.09
C ASP D 94 1.45 -26.50 19.89
N GLU D 95 1.55 -26.97 18.64
CA GLU D 95 0.93 -28.23 18.22
C GLU D 95 1.53 -29.49 18.87
N ASP D 96 2.72 -29.41 19.44
CA ASP D 96 3.25 -30.53 20.22
C ASP D 96 2.56 -30.70 21.55
N GLU D 97 1.75 -29.72 21.99
CA GLU D 97 0.88 -29.97 23.17
C GLU D 97 -0.32 -30.83 22.72
N PHE D 98 -0.94 -31.47 23.70
CA PHE D 98 -2.20 -32.16 23.48
C PHE D 98 -3.38 -31.30 23.95
N TRP D 99 -3.98 -30.63 22.96
CA TRP D 99 -5.11 -29.74 23.22
C TRP D 99 -6.35 -30.59 23.43
N THR D 100 -7.12 -30.26 24.47
CA THR D 100 -8.23 -31.08 24.93
C THR D 100 -9.41 -30.23 25.34
N THR D 101 -10.59 -30.82 25.32
CA THR D 101 -11.82 -30.10 25.67
C THR D 101 -11.81 -29.74 27.14
N HIS D 102 -11.45 -30.71 27.97
CA HIS D 102 -11.39 -30.54 29.43
C HIS D 102 -9.97 -30.76 29.99
N SER D 103 -9.80 -31.71 30.91
CA SER D 103 -8.67 -31.71 31.86
C SER D 103 -7.37 -32.42 31.42
N GLY D 104 -7.46 -33.47 30.60
CA GLY D 104 -6.26 -34.12 30.09
C GLY D 104 -5.43 -33.12 29.29
N GLY D 105 -4.14 -33.39 29.07
CA GLY D 105 -3.30 -32.50 28.26
C GLY D 105 -3.44 -31.04 28.64
N THR D 106 -3.67 -30.18 27.64
CA THR D 106 -3.77 -28.72 27.84
C THR D 106 -5.11 -28.16 27.33
N ASN D 107 -5.80 -27.41 28.17
CA ASN D 107 -7.14 -27.01 27.83
C ASN D 107 -7.12 -25.92 26.79
N LEU D 108 -7.73 -26.20 25.63
CA LEU D 108 -7.80 -25.16 24.59
C LEU D 108 -8.53 -23.87 25.07
N PHE D 109 -9.72 -24.03 25.65
CA PHE D 109 -10.50 -22.94 26.25
C PHE D 109 -9.70 -22.01 27.12
N LEU D 110 -9.24 -22.49 28.28
CA LEU D 110 -8.48 -21.63 29.25
C LEU D 110 -7.27 -20.92 28.58
N THR D 111 -6.56 -21.63 27.70
CA THR D 111 -5.36 -21.11 27.07
C THR D 111 -5.78 -19.98 26.11
N ALA D 112 -6.81 -20.24 25.31
CA ALA D 112 -7.25 -19.28 24.35
C ALA D 112 -7.78 -17.98 24.99
N VAL D 113 -8.53 -18.06 26.10
CA VAL D 113 -8.98 -16.82 26.81
C VAL D 113 -7.75 -15.97 27.19
N HIS D 114 -6.71 -16.65 27.66
CA HIS D 114 -5.50 -15.97 28.08
C HIS D 114 -4.82 -15.35 26.87
N GLN D 115 -4.63 -16.16 25.81
CA GLN D 115 -4.05 -15.65 24.58
C GLN D 115 -4.87 -14.51 23.97
N ILE D 116 -6.21 -14.60 24.00
CA ILE D 116 -7.06 -13.54 23.45
C ILE D 116 -6.87 -12.28 24.28
N GLY D 117 -6.64 -12.47 25.58
CA GLY D 117 -6.26 -11.40 26.47
C GLY D 117 -4.99 -10.63 26.08
N HIS D 118 -3.97 -11.32 25.60
CA HIS D 118 -2.79 -10.67 25.02
C HIS D 118 -3.07 -9.99 23.67
N SER D 119 -4.00 -10.56 22.89
CA SER D 119 -4.40 -10.05 21.55
C SER D 119 -5.16 -8.76 21.67
N LEU D 120 -5.86 -8.62 22.79
CA LEU D 120 -6.70 -7.48 23.14
C LEU D 120 -5.90 -6.47 23.88
N GLY D 121 -4.69 -6.91 24.27
CA GLY D 121 -3.64 -6.04 24.74
C GLY D 121 -3.44 -5.96 26.23
N LEU D 122 -3.81 -7.01 26.97
CA LEU D 122 -3.42 -7.06 28.39
C LEU D 122 -2.05 -7.70 28.60
N GLY D 123 -1.38 -7.25 29.65
CA GLY D 123 -0.14 -7.88 30.12
C GLY D 123 -0.51 -8.93 31.16
N HIS D 124 0.47 -9.42 31.93
CA HIS D 124 0.13 -10.37 33.02
C HIS D 124 -0.40 -9.76 34.31
N SER D 125 -1.09 -10.58 35.10
CA SER D 125 -1.59 -10.24 36.44
C SER D 125 -0.80 -10.97 37.58
N SER D 126 -0.85 -10.40 38.79
CA SER D 126 -0.32 -11.05 40.02
C SER D 126 -1.40 -11.80 40.86
N ASP D 127 -2.63 -11.89 40.32
CA ASP D 127 -3.72 -12.65 40.92
C ASP D 127 -3.70 -14.09 40.38
N PRO D 128 -3.42 -15.11 41.25
CA PRO D 128 -3.47 -16.52 40.79
C PRO D 128 -4.83 -16.89 40.20
N LYS D 129 -5.90 -16.27 40.74
CA LYS D 129 -7.29 -16.47 40.29
C LYS D 129 -7.63 -15.69 39.01
N ALA D 130 -6.60 -15.08 38.39
CA ALA D 130 -6.79 -14.37 37.13
C ALA D 130 -6.49 -15.19 35.87
N VAL D 131 -7.27 -14.93 34.84
CA VAL D 131 -7.07 -15.60 33.57
C VAL D 131 -5.74 -15.16 32.93
N MET D 132 -5.28 -13.95 33.30
CA MET D 132 -4.00 -13.39 32.80
C MET D 132 -2.74 -13.65 33.69
N PHE D 133 -2.91 -14.41 34.79
CA PHE D 133 -1.77 -15.00 35.51
C PHE D 133 -0.72 -15.68 34.59
N PRO D 134 0.60 -15.53 34.86
CA PRO D 134 1.70 -16.09 34.10
C PRO D 134 1.84 -17.63 33.96
N THR D 135 1.12 -18.39 34.78
CA THR D 135 1.29 -19.84 34.84
C THR D 135 -0.02 -20.57 34.54
N TYR D 136 0.04 -21.51 33.60
CA TYR D 136 -1.10 -22.35 33.33
C TYR D 136 -1.38 -23.38 34.44
N LYS D 137 -2.61 -23.40 34.96
N LYS D 137 -2.65 -23.39 34.84
CA LYS D 137 -3.09 -24.51 35.79
CA LYS D 137 -3.26 -24.22 35.88
C LYS D 137 -4.61 -24.69 35.69
C LYS D 137 -4.65 -24.66 35.35
N TYR D 138 -4.99 -25.94 35.46
CA TYR D 138 -6.37 -26.30 35.09
C TYR D 138 -7.33 -25.93 36.21
N VAL D 139 -8.36 -25.19 35.82
CA VAL D 139 -9.38 -24.81 36.77
C VAL D 139 -10.70 -25.29 36.21
N ASP D 140 -11.67 -25.48 37.11
CA ASP D 140 -13.02 -25.92 36.75
C ASP D 140 -13.76 -24.96 35.79
N ILE D 141 -13.89 -25.38 34.51
CA ILE D 141 -14.61 -24.62 33.47
C ILE D 141 -16.02 -24.29 33.95
N ASN D 142 -16.60 -25.19 34.73
CA ASN D 142 -17.98 -25.02 35.20
C ASN D 142 -18.14 -23.76 36.08
N THR D 143 -17.20 -23.54 36.98
CA THR D 143 -17.19 -22.32 37.80
C THR D 143 -16.29 -21.20 37.21
N PHE D 144 -15.71 -21.38 36.02
CA PHE D 144 -14.99 -20.28 35.35
C PHE D 144 -15.58 -18.85 35.36
N ARG D 145 -14.79 -17.90 35.86
CA ARG D 145 -15.18 -16.48 35.87
C ARG D 145 -13.97 -15.53 35.83
N LEU D 146 -14.06 -14.43 35.10
CA LEU D 146 -12.94 -13.48 35.11
C LEU D 146 -12.75 -12.97 36.52
N SER D 147 -11.52 -12.86 36.96
CA SER D 147 -11.26 -12.20 38.23
C SER D 147 -11.45 -10.67 38.04
N ALA D 148 -11.50 -9.93 39.17
CA ALA D 148 -11.72 -8.47 39.13
C ALA D 148 -10.54 -7.76 38.52
N ASP D 149 -9.33 -8.27 38.81
CA ASP D 149 -8.10 -7.85 38.14
C ASP D 149 -8.09 -7.97 36.58
N ASP D 150 -8.77 -9.00 36.03
CA ASP D 150 -8.92 -9.14 34.57
C ASP D 150 -9.95 -8.15 34.00
N ILE D 151 -11.06 -7.95 34.71
CA ILE D 151 -12.14 -7.05 34.29
C ILE D 151 -11.66 -5.59 34.33
N ARG D 152 -11.07 -5.17 35.47
CA ARG D 152 -10.50 -3.81 35.64
C ARG D 152 -9.47 -3.48 34.56
N GLY D 153 -8.63 -4.47 34.25
CA GLY D 153 -7.66 -4.34 33.17
C GLY D 153 -8.27 -4.17 31.79
N ILE D 154 -9.29 -4.95 31.46
CA ILE D 154 -9.87 -4.86 30.11
C ILE D 154 -10.67 -3.59 29.90
N GLN D 155 -11.41 -3.19 30.95
CA GLN D 155 -12.22 -1.99 30.92
C GLN D 155 -11.41 -0.69 31.01
N SER D 156 -10.13 -0.80 31.41
CA SER D 156 -9.20 0.33 31.33
C SER D 156 -8.71 0.58 29.89
N LEU D 157 -8.78 -0.44 29.04
CA LEU D 157 -8.40 -0.31 27.64
C LEU D 157 -9.59 0.06 26.72
N TYR D 158 -10.77 -0.45 27.04
CA TYR D 158 -11.93 -0.25 26.19
C TYR D 158 -13.06 0.33 27.04
N GLY D 159 -13.07 1.66 27.30
CA GLY D 159 -12.06 2.63 26.89
C GLY D 159 -11.63 3.57 28.02
O15 V28 E . 4.88 18.24 -11.11
S13 V28 E . 4.76 18.88 -12.35
O14 V28 E . 4.09 18.04 -13.25
C10 V28 E . 6.20 19.24 -12.97
C11 V28 E . 6.35 19.33 -14.35
C12 V28 E . 7.58 19.63 -14.92
C07 V28 E . 8.68 19.85 -14.12
C01 V28 E . 9.98 20.15 -14.77
C02 V28 E . 11.13 19.55 -14.30
C03 V28 E . 12.35 19.82 -14.91
C04 V28 E . 12.40 20.67 -16.00
C05 V28 E . 11.24 21.26 -16.48
C06 V28 E . 10.03 21.00 -15.87
C08 V28 E . 8.55 19.75 -12.75
C09 V28 E . 7.32 19.48 -12.17
N16 V28 E . 4.01 20.18 -12.25
C17 V28 E . 4.30 21.18 -11.23
C18 V28 E . 5.20 22.32 -11.72
O19 V28 E . 4.95 22.93 -12.77
O20 V28 E . 6.19 22.61 -11.05
C21 V28 E . 2.99 21.71 -10.64
C22 V28 E . 2.23 20.64 -9.89
C23 V28 E . 3.21 22.94 -9.75
C24 V28 E . 3.08 20.63 -13.29
C25 V28 E . 1.72 20.01 -13.54
N26 V28 E . 0.52 20.49 -13.13
N27 V28 E . -0.50 19.69 -13.57
C29 V28 E . 1.45 18.87 -14.28
N28 V28 E . 0.14 18.68 -14.28
C30 V28 E . -0.75 17.67 -14.90
C31 V28 E . -0.95 17.96 -16.40
N40 V28 E . -1.87 19.04 -16.61
C41 V28 E . -1.45 20.27 -16.75
C42 V28 E . -2.51 21.32 -16.83
O43 V28 E . -0.26 20.53 -16.80
O35 V28 E . -0.16 16.40 -14.64
C34 V28 E . -0.85 15.34 -15.28
C36 V28 E . -0.29 14.05 -14.75
O37 V28 E . -0.96 13.86 -13.51
C33 V28 E . -0.72 15.51 -16.78
O38 V28 E . -1.31 14.42 -17.47
C32 V28 E . -1.46 16.77 -17.20
O39 V28 E . -1.29 17.02 -18.61
ZN ZN F . 6.10 24.33 -13.32
ZN ZN G . 3.52 20.76 -0.81
CA CA H . 8.94 30.43 2.83
CA CA I . 11.78 8.46 -3.31
CA CA J . 4.03 11.94 -8.10
O15 V28 K . 1.15 -20.51 -12.74
S13 V28 K . 1.10 -19.83 -14.01
O14 V28 K . 0.51 -20.71 -14.96
C10 V28 K . 2.56 -19.53 -14.54
C11 V28 K . 3.61 -19.20 -13.68
C12 V28 K . 4.86 -18.92 -14.21
C07 V28 K . 5.05 -18.94 -15.59
C01 V28 K . 6.38 -18.68 -16.21
C02 V28 K . 7.51 -19.25 -15.64
C03 V28 K . 8.76 -19.05 -16.22
C04 V28 K . 8.87 -18.28 -17.37
C05 V28 K . 7.74 -17.73 -17.93
C06 V28 K . 6.48 -17.94 -17.37
C08 V28 K . 4.01 -19.25 -16.43
C09 V28 K . 2.75 -19.53 -15.91
N16 V28 K . 0.36 -18.52 -13.87
C17 V28 K . 0.57 -17.70 -12.68
C18 V28 K . 1.39 -16.48 -12.96
O19 V28 K . 2.48 -16.35 -12.35
O20 V28 K . 0.96 -15.60 -13.75
C21 V28 K . -0.76 -17.28 -12.05
C22 V28 K . -1.66 -18.45 -11.72
C23 V28 K . -0.55 -16.42 -10.80
C24 V28 K . -0.43 -17.95 -14.96
C25 V28 K . -1.70 -18.72 -15.23
N26 V28 K . -2.91 -18.43 -14.71
N27 V28 K . -3.81 -19.38 -15.19
C29 V28 K . -1.80 -19.84 -16.05
N28 V28 K . -3.06 -20.23 -16.02
C30 V28 K . -3.85 -21.35 -16.64
C31 V28 K . -3.39 -21.83 -18.05
N40 V28 K . -4.54 -21.80 -18.93
C41 V28 K . -4.48 -21.68 -20.25
C42 V28 K . -5.79 -21.58 -20.97
O43 V28 K . -3.43 -21.66 -20.87
O35 V28 K . -3.98 -22.34 -15.62
C34 V28 K . -3.84 -23.71 -15.97
C36 V28 K . -3.79 -24.55 -14.70
O37 V28 K . -4.87 -24.11 -13.87
C33 V28 K . -2.58 -23.89 -16.80
O38 V28 K . -2.25 -25.28 -16.96
C32 V28 K . -2.86 -23.27 -18.15
O39 V28 K . -1.70 -23.37 -18.97
ZN ZN L . 2.54 -14.67 -14.55
ZN ZN M . -0.05 -18.23 -2.24
CA CA N . 5.33 -8.58 1.66
CA CA O . 8.33 -30.58 -4.61
CA CA P . 0.74 -27.05 -9.29
O15 V28 Q . -27.25 11.61 -1.18
S13 V28 Q . -26.42 10.85 -2.03
O14 V28 Q . -26.45 11.45 -3.30
C10 V28 Q . -24.91 10.86 -1.49
C11 V28 Q . -23.81 10.91 -2.33
C12 V28 Q . -22.51 10.93 -1.82
C07 V28 Q . -22.31 10.86 -0.45
C01 V28 Q . -20.96 10.87 0.19
C02 V28 Q . -20.72 10.08 1.30
C03 V28 Q . -19.48 10.10 1.94
C04 V28 Q . -18.48 10.93 1.46
C05 V28 Q . -18.71 11.73 0.35
C06 V28 Q . -19.96 11.71 -0.27
C08 V28 Q . -23.41 10.80 0.39
C09 V28 Q . -24.69 10.79 -0.12
N16 V28 Q . -26.82 9.40 -2.06
C17 V28 Q . -26.32 8.51 -3.10
C18 V28 Q . -25.13 7.66 -2.66
O19 V28 Q . -24.10 7.59 -3.36
O20 V28 Q . -25.17 7.01 -1.60
C21 V28 Q . -27.46 7.65 -3.65
C22 V28 Q . -28.49 8.45 -4.43
C23 V28 Q . -26.96 6.49 -4.51
C24 V28 Q . -27.49 8.77 -0.92
C25 V28 Q . -28.95 9.03 -0.65
N26 V28 Q . -30.01 8.27 -1.01
N27 V28 Q . -31.18 8.86 -0.57
C29 V28 Q . -29.45 10.14 0.04
N28 V28 Q . -30.77 10.03 0.06
C30 V28 Q . -31.84 10.87 0.68
C31 V28 Q . -31.86 10.71 2.21
N40 V28 Q . -32.31 9.43 2.70
C41 V28 Q . -31.74 8.25 2.60
C42 V28 Q . -32.75 7.15 2.67
O43 V28 Q . -30.55 8.05 2.44
O35 V28 Q . -31.66 12.23 0.28
C34 V28 Q . -32.42 13.24 0.95
C36 V28 Q . -31.86 14.62 0.63
O37 V28 Q . -30.92 15.06 1.60
C33 V28 Q . -32.51 13.07 2.46
O38 V28 Q . -33.54 13.90 2.95
C32 V28 Q . -32.84 11.66 2.85
O39 V28 Q . -32.82 11.55 4.27
ZN ZN R . -23.67 5.92 -1.15
ZN ZN S . -27.35 8.70 -13.55
CA CA T . -19.84 0.68 -17.35
CA CA U . -22.28 22.68 -11.19
CA CA V . -28.82 17.45 -6.29
O15 V28 W . 3.95 -20.30 29.02
S13 V28 W . 3.02 -19.54 28.27
O14 V28 W . 2.99 -20.00 26.94
C10 V28 W . 1.56 -19.54 28.92
C11 V28 W . 0.42 -19.84 28.19
C12 V28 W . -0.82 -19.82 28.80
C07 V28 W . -0.94 -19.48 30.15
C01 V28 W . -2.24 -19.45 30.86
C02 V28 W . -2.27 -19.11 32.20
C03 V28 W . -3.48 -19.06 32.89
C04 V28 W . -4.66 -19.38 32.24
C05 V28 W . -4.62 -19.74 30.91
C06 V28 W . -3.41 -19.78 30.21
C08 V28 W . 0.20 -19.17 30.85
C09 V28 W . 1.43 -19.19 30.26
N16 V28 W . 3.59 -18.14 28.30
C17 V28 W . 3.33 -17.20 27.23
C18 V28 W . 2.24 -16.25 27.58
O19 V28 W . 1.16 -16.50 27.05
O20 V28 W . 2.42 -15.29 28.35
C21 V28 W . 4.60 -16.57 26.67
C22 V28 W . 4.30 -15.95 25.29
C23 V28 W . 5.17 -15.55 27.64
C24 V28 W . 4.25 -17.66 29.48
C25 V28 W . 5.70 -18.07 29.62
N26 V28 W . 6.76 -17.50 29.03
N27 V28 W . 7.91 -18.17 29.45
C29 V28 W . 6.15 -19.09 30.45
N28 V28 W . 7.47 -19.13 30.33
C30 V28 W . 8.47 -20.02 30.96
C31 V28 W . 9.88 -19.44 30.83
N40 V28 W . 10.87 -20.51 30.79
C41 V28 W . 12.11 -20.39 30.29
C42 V28 W . 12.99 -21.60 30.40
O43 V28 W . 12.51 -19.38 29.79
O35 V28 W . 7.98 -20.15 32.30
C34 V28 W . 8.83 -19.97 33.42
C36 V28 W . 7.98 -19.98 34.69
O37 V28 W . 8.79 -19.77 35.85
C33 V28 W . 9.57 -18.67 33.28
O38 V28 W . 10.55 -18.65 34.33
C32 V28 W . 10.24 -18.46 31.93
O39 V28 W . 9.96 -17.15 31.47
ZN ZN X . 0.70 -14.77 28.90
ZN ZN Y . 3.98 -17.78 16.69
CA CA Z . -3.61 -9.75 12.56
CA CA AA . -1.17 -31.73 19.14
CA CA BA . 5.61 -26.34 23.99
#